data_5XMB
#
_entry.id   5XMB
#
_cell.length_a   84.829
_cell.length_b   104.719
_cell.length_c   145.350
_cell.angle_alpha   90.00
_cell.angle_beta   90.00
_cell.angle_gamma   90.00
#
_symmetry.space_group_name_H-M   'P 21 21 21'
#
loop_
_entity.id
_entity.type
_entity.pdbx_description
1 polymer 'Pantothenate kinase'
2 non-polymer 'SULFATE ION'
3 water water
#
_entity_poly.entity_id   1
_entity_poly.type   'polypeptide(L)'
_entity_poly.pdbx_seq_one_letter_code
;MSRLSEPSPYVEFDRRQWRALRMSTPLALTEEELVGLRGLGEQIDLLEVEEVYLPLARLIHLQVAARQRLFAATAEFLGE
PQQNPDRPVPFIIGVAGSVAVGKSTTARVLQALLARWDHHPRVDLVTTDGFLYPNAELQRRNLMHRKGFPESYNRRALMR
FVTSVKSGSDYACAPVYSHLHYDIIPGAEQVVRHPDILILEGLNVLQTGPTLMVSDLFDFSLYVDARIEDIEQWYVSRFL
AMRTTAAADPESHFHHYAAFSDSQAVVAAREIWRTINRPNLVENILPTRPRATLVLRKDADHSINRLRLRKL
;
_entity_poly.pdbx_strand_id   A,B,C,D
#
loop_
_chem_comp.id
_chem_comp.type
_chem_comp.name
_chem_comp.formula
SO4 non-polymer 'SULFATE ION' 'O4 S -2'
#
# COMPACT_ATOMS: atom_id res chain seq x y z
N PRO A 7 -10.23 0.94 -9.48
CA PRO A 7 -9.68 1.94 -10.39
C PRO A 7 -8.61 2.82 -9.74
N SER A 8 -7.50 2.98 -10.45
CA SER A 8 -6.44 3.91 -10.06
C SER A 8 -6.56 5.19 -10.88
N PRO A 9 -6.14 6.34 -10.33
CA PRO A 9 -6.14 7.59 -11.09
C PRO A 9 -5.07 7.66 -12.18
N TYR A 10 -3.99 6.91 -11.99
CA TYR A 10 -2.85 6.94 -12.91
C TYR A 10 -2.94 5.92 -14.06
N VAL A 11 -2.03 6.07 -15.01
CA VAL A 11 -1.80 5.09 -16.09
C VAL A 11 -0.30 4.90 -16.35
N GLU A 12 0.22 3.77 -15.92
CA GLU A 12 1.66 3.48 -15.94
C GLU A 12 2.15 2.82 -17.22
N PHE A 13 3.22 3.35 -17.77
CA PHE A 13 3.89 2.79 -18.94
C PHE A 13 5.36 2.50 -18.69
N ASP A 14 5.90 1.62 -19.51
CA ASP A 14 7.33 1.44 -19.66
C ASP A 14 7.78 2.20 -20.91
N ARG A 15 9.08 2.17 -21.22
CA ARG A 15 9.59 2.94 -22.39
C ARG A 15 8.98 2.44 -23.69
N ARG A 16 8.86 1.13 -23.82
CA ARG A 16 8.35 0.51 -25.05
C ARG A 16 6.88 0.85 -25.31
N GLN A 17 6.07 0.75 -24.25
CA GLN A 17 4.64 1.14 -24.29
C GLN A 17 4.44 2.59 -24.75
N TRP A 18 5.06 3.51 -24.01
CA TRP A 18 4.96 4.95 -24.25
C TRP A 18 5.52 5.35 -25.60
N ARG A 19 6.66 4.75 -25.93
CA ARG A 19 7.36 4.93 -27.20
C ARG A 19 6.49 4.70 -28.46
N ALA A 20 5.47 3.86 -28.31
CA ALA A 20 4.51 3.56 -29.38
C ALA A 20 3.30 4.52 -29.42
N LEU A 21 3.48 5.74 -28.91
CA LEU A 21 2.47 6.80 -28.98
C LEU A 21 2.90 7.98 -29.86
N ARG A 22 3.98 7.79 -30.62
CA ARG A 22 4.54 8.84 -31.49
C ARG A 22 3.59 9.21 -32.62
N ARG A 38 19.99 22.49 -32.23
CA ARG A 38 20.67 21.51 -31.38
C ARG A 38 21.07 22.12 -30.04
N GLY A 39 21.73 21.33 -29.18
CA GLY A 39 22.13 21.81 -27.86
C GLY A 39 23.20 20.99 -27.15
N LEU A 40 23.34 21.24 -25.84
CA LEU A 40 24.32 20.57 -24.99
C LEU A 40 23.88 20.58 -23.52
N GLY A 41 24.50 19.74 -22.71
CA GLY A 41 24.15 19.62 -21.29
C GLY A 41 24.59 18.30 -20.65
N GLU A 42 25.73 18.35 -19.96
CA GLU A 42 26.47 17.18 -19.44
C GLU A 42 26.64 16.27 -20.65
N GLN A 43 25.62 15.44 -20.87
CA GLN A 43 25.31 14.91 -22.20
C GLN A 43 23.90 14.33 -22.22
N ILE A 44 23.02 15.07 -22.89
CA ILE A 44 21.65 14.63 -23.13
C ILE A 44 21.65 13.48 -24.14
N ASP A 45 21.22 12.30 -23.67
CA ASP A 45 21.06 11.15 -24.54
C ASP A 45 20.06 11.50 -25.65
N LEU A 46 20.49 11.33 -26.90
CA LEU A 46 19.70 11.78 -28.06
C LEU A 46 18.54 10.84 -28.38
N LEU A 47 18.73 9.55 -28.11
CA LEU A 47 17.69 8.55 -28.31
C LEU A 47 16.43 8.87 -27.50
N GLU A 48 16.62 9.13 -26.22
CA GLU A 48 15.52 9.36 -25.26
C GLU A 48 14.61 10.52 -25.66
N VAL A 49 15.12 11.42 -26.48
CA VAL A 49 14.32 12.52 -27.03
C VAL A 49 13.15 11.96 -27.84
N GLU A 50 13.48 11.27 -28.93
CA GLU A 50 12.47 10.76 -29.87
C GLU A 50 11.55 9.70 -29.25
N GLU A 51 12.05 9.03 -28.21
CA GLU A 51 11.32 7.94 -27.55
C GLU A 51 10.46 8.39 -26.35
N VAL A 52 10.97 9.32 -25.56
CA VAL A 52 10.33 9.73 -24.29
C VAL A 52 9.86 11.20 -24.26
N TYR A 53 10.68 12.11 -24.76
CA TYR A 53 10.36 13.54 -24.66
C TYR A 53 9.50 14.05 -25.81
N LEU A 54 9.97 13.83 -27.02
CA LEU A 54 9.22 14.21 -28.22
C LEU A 54 7.75 13.79 -28.15
N PRO A 55 7.46 12.56 -27.67
CA PRO A 55 6.07 12.22 -27.43
C PRO A 55 5.44 13.09 -26.34
N LEU A 56 6.14 13.19 -25.21
CA LEU A 56 5.71 14.00 -24.07
C LEU A 56 5.34 15.44 -24.48
N ALA A 57 6.08 15.98 -25.43
CA ALA A 57 5.84 17.33 -25.95
C ALA A 57 4.50 17.44 -26.67
N ARG A 58 4.20 16.44 -27.50
CA ARG A 58 2.93 16.38 -28.22
C ARG A 58 1.75 16.41 -27.27
N LEU A 59 1.86 15.65 -26.18
CA LEU A 59 0.82 15.63 -25.15
C LEU A 59 0.49 17.06 -24.72
N ILE A 60 1.53 17.77 -24.29
CA ILE A 60 1.40 19.15 -23.77
C ILE A 60 0.85 20.12 -24.81
N HIS A 61 1.29 19.97 -26.05
CA HIS A 61 0.75 20.78 -27.14
C HIS A 61 -0.78 20.68 -27.19
N LEU A 62 -1.30 19.46 -27.07
CA LEU A 62 -2.73 19.21 -27.19
C LEU A 62 -3.52 19.72 -25.97
N GLN A 63 -2.85 19.85 -24.84
CA GLN A 63 -3.46 20.43 -23.63
C GLN A 63 -3.37 21.95 -23.57
N VAL A 64 -2.34 22.50 -24.21
CA VAL A 64 -2.12 23.95 -24.23
C VAL A 64 -3.33 24.65 -24.86
N ALA A 65 -3.77 24.13 -26.00
CA ALA A 65 -4.87 24.73 -26.76
C ALA A 65 -6.21 24.48 -26.08
N ALA A 66 -6.32 23.33 -25.42
CA ALA A 66 -7.53 22.97 -24.68
C ALA A 66 -7.71 23.83 -23.43
N ARG A 67 -6.62 23.98 -22.68
CA ARG A 67 -6.58 24.82 -21.48
C ARG A 67 -6.77 26.30 -21.79
N GLN A 68 -6.42 26.69 -23.02
CA GLN A 68 -6.68 28.03 -23.54
C GLN A 68 -8.19 28.31 -23.63
N ARG A 69 -8.89 27.33 -24.18
CA ARG A 69 -10.35 27.31 -24.34
C ARG A 69 -11.11 27.56 -23.02
N LEU A 70 -10.62 26.92 -21.96
CA LEU A 70 -11.19 27.00 -20.62
C LEU A 70 -11.04 28.40 -20.05
N PHE A 71 -9.81 28.88 -20.02
CA PHE A 71 -9.53 30.25 -19.56
C PHE A 71 -10.27 31.27 -20.41
N ALA A 72 -10.42 30.96 -21.69
CA ALA A 72 -11.22 31.77 -22.62
C ALA A 72 -12.73 31.66 -22.36
N ALA A 73 -13.12 30.74 -21.49
CA ALA A 73 -14.53 30.54 -21.11
C ALA A 73 -14.92 31.26 -19.81
N THR A 74 -13.96 31.54 -18.95
CA THR A 74 -14.18 32.48 -17.81
C THR A 74 -14.22 33.92 -18.31
N ALA A 75 -13.47 34.18 -19.37
CA ALA A 75 -13.45 35.47 -20.04
C ALA A 75 -14.80 35.75 -20.67
N GLU A 76 -15.23 34.85 -21.54
CA GLU A 76 -16.52 34.99 -22.24
C GLU A 76 -17.68 35.15 -21.23
N PHE A 77 -17.52 34.55 -20.06
CA PHE A 77 -18.50 34.66 -18.98
C PHE A 77 -18.54 36.07 -18.38
N LEU A 78 -17.35 36.58 -18.08
CA LEU A 78 -17.19 37.93 -17.49
C LEU A 78 -17.41 39.08 -18.49
N GLY A 79 -17.49 38.75 -19.78
CA GLY A 79 -17.85 39.71 -20.82
C GLY A 79 -16.75 40.71 -21.14
N GLU A 80 -15.89 40.34 -22.09
CA GLU A 80 -14.80 41.22 -22.55
C GLU A 80 -15.31 42.31 -23.51
N PRO A 88 -3.18 35.11 -25.81
CA PRO A 88 -3.71 34.13 -24.85
C PRO A 88 -2.88 34.03 -23.57
N VAL A 89 -3.41 33.27 -22.62
CA VAL A 89 -2.84 33.20 -21.28
C VAL A 89 -1.65 32.23 -21.25
N PRO A 90 -0.56 32.59 -20.54
CA PRO A 90 0.55 31.66 -20.42
C PRO A 90 0.18 30.29 -19.86
N PHE A 91 0.74 29.27 -20.50
CA PHE A 91 0.68 27.91 -20.00
C PHE A 91 1.86 27.72 -19.06
N ILE A 92 1.55 27.28 -17.85
CA ILE A 92 2.56 27.18 -16.79
C ILE A 92 2.91 25.72 -16.54
N ILE A 93 4.17 25.38 -16.77
CA ILE A 93 4.68 24.01 -16.55
C ILE A 93 5.70 23.95 -15.41
N GLY A 94 5.32 23.27 -14.34
CA GLY A 94 6.19 23.03 -13.20
C GLY A 94 7.01 21.78 -13.43
N VAL A 95 8.23 21.76 -12.87
CA VAL A 95 9.13 20.61 -12.98
C VAL A 95 9.81 20.35 -11.64
N ALA A 96 9.45 19.24 -11.03
CA ALA A 96 9.90 18.92 -9.67
C ALA A 96 10.78 17.69 -9.62
N GLY A 97 11.39 17.49 -8.46
CA GLY A 97 12.29 16.36 -8.20
C GLY A 97 13.33 16.77 -7.19
N SER A 98 14.18 15.83 -6.78
CA SER A 98 15.30 16.17 -5.91
C SER A 98 16.37 16.88 -6.73
N VAL A 99 17.35 17.45 -6.04
CA VAL A 99 18.52 18.01 -6.72
C VAL A 99 19.33 16.85 -7.30
N ALA A 100 20.03 17.13 -8.41
CA ALA A 100 20.92 16.16 -9.11
C ALA A 100 20.22 15.07 -9.93
N VAL A 101 18.89 14.99 -9.83
CA VAL A 101 18.10 13.98 -10.55
C VAL A 101 17.99 14.27 -12.04
N GLY A 102 18.12 15.55 -12.38
CA GLY A 102 18.13 16.02 -13.76
C GLY A 102 16.90 16.79 -14.17
N LYS A 103 16.38 17.64 -13.28
CA LYS A 103 15.30 18.57 -13.61
C LYS A 103 15.77 19.53 -14.70
N SER A 104 16.88 20.21 -14.40
CA SER A 104 17.49 21.23 -15.25
C SER A 104 17.46 20.85 -16.72
N THR A 105 18.19 19.80 -17.07
CA THR A 105 18.29 19.34 -18.46
C THR A 105 16.95 18.85 -18.98
N THR A 106 16.22 18.13 -18.13
CA THR A 106 14.89 17.61 -18.48
C THR A 106 14.01 18.74 -18.98
N ALA A 107 13.98 19.83 -18.21
CA ALA A 107 13.21 21.03 -18.56
C ALA A 107 13.79 21.71 -19.81
N ARG A 108 15.09 21.96 -19.73
CA ARG A 108 15.88 22.59 -20.79
C ARG A 108 15.64 21.99 -22.17
N VAL A 109 15.44 20.67 -22.20
CA VAL A 109 15.10 19.94 -23.41
C VAL A 109 13.68 20.24 -23.88
N LEU A 110 12.72 20.19 -22.96
CA LEU A 110 11.31 20.43 -23.32
C LEU A 110 11.09 21.85 -23.86
N GLN A 111 11.87 22.80 -23.36
CA GLN A 111 11.91 24.15 -23.92
C GLN A 111 12.24 24.12 -25.41
N ALA A 112 13.19 23.28 -25.79
CA ALA A 112 13.59 23.14 -27.19
C ALA A 112 12.45 22.59 -28.05
N LEU A 113 11.92 21.45 -27.65
CA LEU A 113 10.92 20.74 -28.47
C LEU A 113 9.59 21.49 -28.60
N LEU A 114 9.11 22.02 -27.47
CA LEU A 114 7.85 22.77 -27.41
C LEU A 114 7.88 24.01 -28.30
N ALA A 115 9.00 24.74 -28.23
CA ALA A 115 9.24 25.93 -29.06
C ALA A 115 9.11 25.64 -30.56
N ARG A 116 9.47 24.43 -30.95
CA ARG A 116 9.45 23.98 -32.35
C ARG A 116 8.05 23.81 -32.97
N TRP A 117 7.00 24.27 -32.28
CA TRP A 117 5.61 24.06 -32.73
C TRP A 117 5.05 25.15 -33.62
N ASP A 118 5.52 26.39 -33.47
CA ASP A 118 5.04 27.53 -34.27
C ASP A 118 3.64 27.99 -33.83
N HIS A 119 2.72 27.04 -33.76
CA HIS A 119 1.41 27.25 -33.12
C HIS A 119 1.48 28.02 -31.81
N HIS A 120 2.62 27.93 -31.13
CA HIS A 120 2.79 28.46 -29.77
C HIS A 120 4.25 28.54 -29.34
N PRO A 121 5.04 29.40 -29.97
CA PRO A 121 6.44 29.45 -29.61
C PRO A 121 6.72 30.53 -28.57
N ARG A 122 7.97 30.60 -28.14
CA ARG A 122 8.44 31.43 -27.01
C ARG A 122 8.12 30.75 -25.69
N VAL A 123 8.64 29.54 -25.55
CA VAL A 123 8.76 28.94 -24.23
C VAL A 123 9.92 29.63 -23.51
N ASP A 124 9.67 30.10 -22.31
CA ASP A 124 10.75 30.58 -21.47
C ASP A 124 10.88 29.68 -20.24
N LEU A 125 12.11 29.55 -19.76
CA LEU A 125 12.42 28.67 -18.65
C LEU A 125 13.01 29.47 -17.53
N VAL A 126 12.43 29.31 -16.34
CA VAL A 126 12.91 29.97 -15.14
C VAL A 126 13.19 28.96 -14.03
N THR A 127 14.39 29.05 -13.49
CA THR A 127 14.80 28.25 -12.35
C THR A 127 14.28 28.94 -11.09
N THR A 128 13.82 28.14 -10.14
CA THR A 128 13.30 28.64 -8.86
C THR A 128 14.44 29.00 -7.90
N ASP A 129 15.66 28.54 -8.24
CA ASP A 129 16.85 28.78 -7.40
C ASP A 129 17.16 30.27 -7.24
N GLY A 130 16.99 31.00 -8.33
CA GLY A 130 17.13 32.48 -8.31
C GLY A 130 16.30 33.17 -7.24
N PHE A 131 15.29 32.47 -6.73
CA PHE A 131 14.40 33.00 -5.70
C PHE A 131 14.80 32.66 -4.29
N LEU A 132 15.80 31.80 -4.13
CA LEU A 132 16.43 31.62 -2.82
C LEU A 132 16.82 32.98 -2.26
N TYR A 133 16.85 33.08 -0.94
CA TYR A 133 17.46 34.25 -0.32
C TYR A 133 18.95 34.21 -0.68
N PRO A 134 19.60 35.38 -0.68
CA PRO A 134 21.07 35.34 -0.72
C PRO A 134 21.64 34.83 0.60
N ASN A 135 22.74 34.08 0.50
CA ASN A 135 23.39 33.48 1.68
C ASN A 135 23.43 34.42 2.86
N ALA A 136 23.86 35.64 2.58
CA ALA A 136 23.96 36.70 3.59
C ALA A 136 22.70 36.74 4.42
N GLU A 137 21.54 36.73 3.74
CA GLU A 137 20.23 36.71 4.39
C GLU A 137 20.05 35.45 5.23
N LEU A 138 20.24 34.30 4.59
CA LEU A 138 20.11 33.01 5.26
C LEU A 138 20.91 32.98 6.56
N GLN A 139 22.13 33.52 6.51
CA GLN A 139 23.00 33.60 7.67
C GLN A 139 22.33 34.30 8.85
N ARG A 140 21.63 35.39 8.55
CA ARG A 140 20.95 36.20 9.57
C ARG A 140 19.78 35.46 10.19
N ARG A 141 19.09 34.67 9.36
CA ARG A 141 17.95 33.85 9.79
C ARG A 141 18.36 32.44 10.29
N ASN A 142 19.65 32.15 10.21
CA ASN A 142 20.22 30.83 10.58
C ASN A 142 19.55 29.68 9.83
N LEU A 143 19.65 29.73 8.51
CA LEU A 143 19.03 28.70 7.63
C LEU A 143 19.97 28.14 6.56
N MET A 144 21.28 28.20 6.83
CA MET A 144 22.27 27.71 5.86
C MET A 144 22.25 26.18 5.79
N HIS A 145 21.97 25.55 6.92
CA HIS A 145 21.86 24.08 7.01
C HIS A 145 20.53 23.57 6.47
N ARG A 146 19.56 24.47 6.39
CA ARG A 146 18.27 24.22 5.77
C ARG A 146 18.16 24.97 4.43
N LYS A 147 19.24 24.94 3.65
CA LYS A 147 19.29 25.60 2.33
C LYS A 147 18.68 24.71 1.26
N GLY A 148 17.73 25.24 0.51
CA GLY A 148 16.95 24.47 -0.46
C GLY A 148 15.59 24.02 0.07
N PHE A 149 15.41 24.11 1.39
CA PHE A 149 14.11 23.85 2.04
C PHE A 149 13.09 24.93 1.64
N PRO A 150 11.79 24.74 1.98
CA PRO A 150 10.82 25.75 1.57
C PRO A 150 10.96 27.08 2.34
N GLU A 151 11.61 27.02 3.49
CA GLU A 151 11.96 28.21 4.27
C GLU A 151 12.97 29.11 3.55
N SER A 152 13.79 28.50 2.70
CA SER A 152 14.94 29.17 2.06
C SER A 152 14.58 30.17 0.97
N TYR A 153 13.36 30.10 0.48
CA TYR A 153 12.94 30.87 -0.69
C TYR A 153 12.17 32.14 -0.32
N ASN A 154 11.95 32.95 -1.33
CA ASN A 154 11.15 34.16 -1.21
C ASN A 154 9.84 33.93 -1.95
N ARG A 155 8.91 33.29 -1.25
CA ARG A 155 7.65 32.79 -1.85
C ARG A 155 6.75 33.88 -2.42
N ARG A 156 6.67 35.01 -1.71
CA ARG A 156 5.92 36.16 -2.18
C ARG A 156 6.54 36.71 -3.46
N ALA A 157 7.84 36.94 -3.41
CA ALA A 157 8.61 37.43 -4.57
C ALA A 157 8.48 36.46 -5.74
N LEU A 158 8.61 35.17 -5.43
CA LEU A 158 8.39 34.09 -6.39
C LEU A 158 6.99 34.14 -7.00
N MET A 159 5.98 34.32 -6.15
CA MET A 159 4.60 34.32 -6.65
C MET A 159 4.21 35.60 -7.38
N ARG A 160 4.43 36.77 -6.76
CA ARG A 160 4.10 38.02 -7.46
C ARG A 160 4.64 37.93 -8.88
N PHE A 161 5.83 37.33 -8.99
CA PHE A 161 6.48 37.09 -10.29
C PHE A 161 5.71 36.14 -11.20
N VAL A 162 5.34 34.98 -10.66
CA VAL A 162 4.55 33.98 -11.40
C VAL A 162 3.13 34.49 -11.70
N THR A 163 2.51 35.08 -10.68
CA THR A 163 1.21 35.73 -10.82
C THR A 163 1.24 36.82 -11.89
N SER A 164 2.33 37.57 -11.91
CA SER A 164 2.54 38.60 -12.93
C SER A 164 2.61 38.00 -14.33
N VAL A 165 3.38 36.93 -14.47
CA VAL A 165 3.54 36.26 -15.77
C VAL A 165 2.18 35.86 -16.34
N LYS A 166 1.42 35.12 -15.55
CA LYS A 166 0.19 34.49 -16.04
C LYS A 166 -0.96 35.50 -16.20
N SER A 167 -0.87 36.61 -15.47
CA SER A 167 -1.77 37.75 -15.66
C SER A 167 -1.78 38.17 -17.14
N GLY A 168 -0.57 38.17 -17.71
CA GLY A 168 -0.32 38.65 -19.07
C GLY A 168 0.44 39.96 -19.04
N SER A 169 1.39 40.08 -18.12
CA SER A 169 2.17 41.31 -17.95
C SER A 169 3.24 41.42 -19.05
N ASP A 170 3.28 42.60 -19.67
CA ASP A 170 4.13 42.87 -20.84
C ASP A 170 5.53 42.32 -20.67
N TYR A 171 6.07 42.47 -19.47
CA TYR A 171 7.32 41.83 -19.09
C TYR A 171 7.33 41.51 -17.61
N ALA A 172 8.31 40.72 -17.21
CA ALA A 172 8.51 40.36 -15.80
C ALA A 172 9.93 39.85 -15.52
N CYS A 173 10.53 40.38 -14.45
CA CYS A 173 11.94 40.12 -14.12
C CYS A 173 12.08 39.10 -13.00
N ALA A 174 13.03 38.20 -13.17
CA ALA A 174 13.34 37.15 -12.19
C ALA A 174 14.83 37.02 -11.98
N PRO A 175 15.27 36.92 -10.70
CA PRO A 175 16.69 36.84 -10.39
C PRO A 175 17.34 35.54 -10.82
N VAL A 176 18.63 35.40 -10.54
CA VAL A 176 19.39 34.20 -10.94
C VAL A 176 20.37 33.70 -9.89
N TYR A 177 20.63 32.39 -9.95
CA TYR A 177 21.44 31.68 -8.96
C TYR A 177 22.78 31.24 -9.56
N SER A 178 23.79 31.17 -8.70
CA SER A 178 25.12 30.70 -9.08
C SER A 178 25.49 29.43 -8.31
N HIS A 179 25.48 28.32 -9.04
CA HIS A 179 25.94 27.03 -8.49
C HIS A 179 27.48 27.06 -8.40
N LEU A 180 28.09 27.81 -9.32
CA LEU A 180 29.52 28.09 -9.27
C LEU A 180 29.84 28.88 -8.01
N HIS A 181 29.41 30.14 -7.97
CA HIS A 181 29.67 31.03 -6.82
C HIS A 181 29.07 30.54 -5.53
N TYR A 182 28.10 29.65 -5.62
CA TYR A 182 27.47 29.04 -4.46
C TYR A 182 26.36 29.91 -3.85
N ASP A 183 25.92 30.91 -4.60
CA ASP A 183 24.90 31.87 -4.11
C ASP A 183 24.20 32.62 -5.25
N ILE A 184 23.44 33.65 -4.90
CA ILE A 184 22.72 34.47 -5.88
C ILE A 184 23.65 35.48 -6.53
N ILE A 185 23.55 35.61 -7.85
CA ILE A 185 24.32 36.61 -8.60
C ILE A 185 23.65 37.96 -8.42
N PRO A 186 24.31 38.88 -7.69
CA PRO A 186 23.65 40.15 -7.42
C PRO A 186 23.43 40.98 -8.67
N GLY A 187 22.28 41.63 -8.73
CA GLY A 187 21.90 42.47 -9.86
C GLY A 187 21.99 41.77 -11.20
N ALA A 188 21.64 40.50 -11.20
CA ALA A 188 21.51 39.75 -12.44
C ALA A 188 20.04 39.42 -12.65
N GLU A 189 19.53 39.79 -13.82
CA GLU A 189 18.08 39.75 -14.10
C GLU A 189 17.73 38.92 -15.33
N GLN A 190 16.91 37.89 -15.14
CA GLN A 190 16.32 37.16 -16.25
C GLN A 190 14.94 37.73 -16.55
N VAL A 191 14.77 38.22 -17.77
CA VAL A 191 13.53 38.86 -18.19
C VAL A 191 12.62 37.86 -18.89
N VAL A 192 11.34 37.93 -18.56
CA VAL A 192 10.32 37.12 -19.24
C VAL A 192 9.36 38.06 -19.94
N ARG A 193 9.26 37.93 -21.26
CA ARG A 193 8.40 38.79 -22.09
C ARG A 193 7.18 38.06 -22.65
N HIS A 194 6.07 38.17 -21.91
CA HIS A 194 4.77 37.56 -22.24
C HIS A 194 4.87 36.29 -23.08
N PRO A 195 5.34 35.19 -22.47
CA PRO A 195 5.54 33.95 -23.19
C PRO A 195 4.26 33.16 -23.36
N ASP A 196 4.09 32.52 -24.51
CA ASP A 196 2.97 31.59 -24.73
C ASP A 196 2.99 30.49 -23.67
N ILE A 197 4.20 30.02 -23.38
CA ILE A 197 4.44 28.96 -22.40
C ILE A 197 5.60 29.34 -21.50
N LEU A 198 5.46 29.05 -20.22
CA LEU A 198 6.55 29.20 -19.26
C LEU A 198 6.85 27.86 -18.60
N ILE A 199 8.11 27.63 -18.28
CA ILE A 199 8.51 26.44 -17.53
C ILE A 199 9.13 26.87 -16.20
N LEU A 200 8.81 26.12 -15.15
CA LEU A 200 9.20 26.47 -13.79
C LEU A 200 9.95 25.32 -13.12
N GLU A 201 11.27 25.30 -13.28
CA GLU A 201 12.11 24.26 -12.66
C GLU A 201 12.53 24.64 -11.25
N GLY A 202 12.26 23.76 -10.30
CA GLY A 202 12.68 23.98 -8.91
C GLY A 202 12.47 22.80 -7.98
N LEU A 203 13.24 22.80 -6.89
CA LEU A 203 13.15 21.78 -5.85
C LEU A 203 11.76 21.85 -5.23
N ASN A 204 11.50 22.99 -4.59
CA ASN A 204 10.19 23.32 -4.05
C ASN A 204 9.46 24.15 -5.08
N VAL A 205 8.32 23.63 -5.51
CA VAL A 205 7.66 24.14 -6.70
C VAL A 205 6.26 23.55 -6.83
N LEU A 206 6.16 22.24 -6.56
CA LEU A 206 4.87 21.53 -6.43
C LEU A 206 4.35 21.56 -4.98
N GLN A 207 4.78 22.57 -4.22
CA GLN A 207 4.47 22.67 -2.79
C GLN A 207 3.15 23.37 -2.52
N THR A 208 2.54 23.00 -1.40
CA THR A 208 1.23 23.48 -0.98
C THR A 208 1.23 23.89 0.49
N GLY A 209 0.55 25.00 0.77
CA GLY A 209 0.50 25.55 2.13
C GLY A 209 -0.71 26.44 2.38
N PRO A 210 -0.76 27.10 3.55
CA PRO A 210 -1.83 28.02 3.96
C PRO A 210 -1.93 29.29 3.11
N THR A 211 -0.80 29.79 2.68
CA THR A 211 -0.76 30.85 1.68
C THR A 211 -1.16 30.21 0.35
N LEU A 212 -1.71 31.02 -0.55
CA LEU A 212 -1.85 30.58 -1.94
C LEU A 212 -0.44 30.37 -2.48
N MET A 213 -0.27 29.36 -3.32
CA MET A 213 1.07 28.98 -3.78
C MET A 213 1.18 28.76 -5.27
N VAL A 214 2.43 28.70 -5.73
CA VAL A 214 2.78 28.63 -7.15
C VAL A 214 2.32 27.30 -7.74
N SER A 215 2.30 26.27 -6.90
CA SER A 215 1.70 24.97 -7.22
C SER A 215 0.28 25.07 -7.76
N ASP A 216 -0.51 25.91 -7.10
CA ASP A 216 -1.91 26.17 -7.49
C ASP A 216 -2.05 26.83 -8.86
N LEU A 217 -0.99 27.46 -9.35
CA LEU A 217 -0.99 28.16 -10.64
C LEU A 217 -0.50 27.33 -11.83
N PHE A 218 0.03 26.14 -11.57
CA PHE A 218 0.49 25.25 -12.64
C PHE A 218 -0.68 24.72 -13.47
N ASP A 219 -0.43 24.53 -14.75
CA ASP A 219 -1.36 23.85 -15.65
C ASP A 219 -0.90 22.42 -16.00
N PHE A 220 0.34 22.10 -15.65
CA PHE A 220 0.93 20.78 -15.91
C PHE A 220 2.19 20.59 -15.08
N SER A 221 2.19 19.56 -14.24
CA SER A 221 3.37 19.22 -13.45
C SER A 221 4.19 18.07 -14.04
N LEU A 222 5.50 18.16 -13.80
CA LEU A 222 6.44 17.07 -14.03
C LEU A 222 7.16 16.77 -12.73
N TYR A 223 7.26 15.49 -12.40
CA TYR A 223 8.14 15.04 -11.33
C TYR A 223 9.20 14.16 -11.97
N VAL A 224 10.46 14.52 -11.79
CA VAL A 224 11.58 13.67 -12.22
C VAL A 224 12.06 12.87 -11.00
N ASP A 225 11.82 11.56 -11.07
CA ASP A 225 12.03 10.64 -9.93
C ASP A 225 13.13 9.60 -10.18
N ALA A 226 13.72 9.16 -9.08
CA ALA A 226 14.68 8.06 -9.07
C ALA A 226 14.76 7.48 -7.66
N ARG A 227 15.61 6.47 -7.46
CA ARG A 227 15.79 5.88 -6.12
C ARG A 227 16.68 6.75 -5.27
N ILE A 228 16.44 6.70 -3.96
CA ILE A 228 17.07 7.63 -3.01
C ILE A 228 18.55 7.32 -2.78
N GLU A 229 18.84 6.09 -2.36
CA GLU A 229 20.23 5.62 -2.21
C GLU A 229 21.01 5.81 -3.52
N ASP A 230 20.29 5.72 -4.62
CA ASP A 230 20.88 5.81 -5.96
C ASP A 230 21.27 7.25 -6.31
N ILE A 231 20.34 8.17 -6.10
CA ILE A 231 20.54 9.60 -6.45
C ILE A 231 21.80 10.14 -5.79
N GLU A 232 22.05 9.72 -4.56
CA GLU A 232 23.29 10.05 -3.86
C GLU A 232 24.49 9.99 -4.80
N GLN A 233 24.66 8.86 -5.47
CA GLN A 233 25.76 8.66 -6.43
C GLN A 233 25.85 9.77 -7.45
N TRP A 234 24.69 10.14 -7.98
CA TRP A 234 24.60 11.12 -9.06
C TRP A 234 25.01 12.49 -8.55
N TYR A 235 24.52 12.81 -7.35
CA TYR A 235 24.82 14.11 -6.72
C TYR A 235 26.32 14.24 -6.43
N VAL A 236 26.85 13.23 -5.74
CA VAL A 236 28.30 13.12 -5.51
C VAL A 236 29.05 13.29 -6.83
N SER A 237 28.49 12.76 -7.91
CA SER A 237 29.02 12.92 -9.27
C SER A 237 28.77 14.32 -9.85
N ARG A 238 27.62 14.90 -9.52
CA ARG A 238 27.28 16.27 -9.90
C ARG A 238 28.28 17.22 -9.26
N PHE A 239 28.41 17.08 -7.94
CA PHE A 239 29.58 17.60 -7.21
C PHE A 239 30.72 16.79 -7.78
N LEU A 240 31.94 17.30 -7.70
CA LEU A 240 33.13 16.52 -8.07
C LEU A 240 33.28 16.41 -9.60
N ALA A 241 32.48 17.18 -10.33
CA ALA A 241 32.51 17.16 -11.80
C ALA A 241 31.88 18.43 -12.30
N MET A 242 32.32 19.51 -11.68
CA MET A 242 31.68 20.81 -11.79
C MET A 242 32.58 21.66 -10.94
N ARG A 243 32.78 21.17 -9.72
CA ARG A 243 33.95 21.48 -8.90
C ARG A 243 35.13 20.62 -9.37
N THR A 244 35.41 20.68 -10.67
CA THR A 244 36.50 19.93 -11.31
C THR A 244 36.50 20.25 -12.80
N THR A 245 35.76 19.43 -13.56
CA THR A 245 35.52 19.68 -14.98
C THR A 245 34.77 21.00 -15.10
N ALA A 246 35.54 22.08 -15.15
CA ALA A 246 35.03 23.48 -15.15
C ALA A 246 34.71 24.00 -13.75
N ALA A 247 35.77 24.42 -13.06
CA ALA A 247 35.78 24.93 -11.67
C ALA A 247 37.23 25.09 -11.25
N ALA A 248 38.01 24.05 -11.59
CA ALA A 248 39.43 24.19 -11.80
C ALA A 248 39.62 24.47 -13.29
N ASP A 249 38.97 25.55 -13.73
CA ASP A 249 39.04 26.02 -15.11
C ASP A 249 39.46 27.49 -15.12
N PRO A 250 38.68 28.37 -14.45
CA PRO A 250 39.17 29.73 -14.25
C PRO A 250 39.72 29.96 -12.82
N GLU A 251 39.51 28.98 -11.93
CA GLU A 251 39.84 29.05 -10.49
C GLU A 251 39.64 30.40 -9.77
N SER A 252 39.03 31.37 -10.45
CA SER A 252 38.98 32.77 -9.99
C SER A 252 38.55 33.65 -11.15
N ALA A 259 35.93 23.91 -4.07
CA ALA A 259 37.14 23.47 -4.72
C ALA A 259 38.32 23.44 -3.74
N PHE A 260 38.46 22.32 -3.02
CA PHE A 260 39.59 22.13 -2.11
C PHE A 260 39.88 20.66 -1.75
N SER A 261 39.75 19.77 -2.73
CA SER A 261 40.30 18.40 -2.72
C SER A 261 39.60 17.52 -3.77
N ASP A 262 40.38 16.67 -4.42
CA ASP A 262 39.92 15.84 -5.54
C ASP A 262 40.08 14.37 -5.18
N SER A 263 39.59 14.06 -3.99
CA SER A 263 39.72 12.75 -3.39
C SER A 263 39.34 12.91 -1.93
N GLN A 264 38.46 12.05 -1.43
CA GLN A 264 38.07 12.05 -0.01
C GLN A 264 37.41 13.37 0.46
N ALA A 265 37.21 14.30 -0.47
CA ALA A 265 36.32 15.45 -0.28
C ALA A 265 34.90 15.03 -0.66
N VAL A 266 34.79 13.90 -1.34
CA VAL A 266 33.50 13.19 -1.46
C VAL A 266 32.85 13.00 -0.08
N VAL A 267 33.69 12.83 0.95
CA VAL A 267 33.25 12.81 2.35
C VAL A 267 32.33 13.99 2.64
N ALA A 268 32.83 15.18 2.32
CA ALA A 268 32.07 16.43 2.49
C ALA A 268 30.79 16.41 1.67
N ALA A 269 30.92 16.10 0.39
CA ALA A 269 29.76 15.99 -0.53
C ALA A 269 28.69 15.02 -0.07
N ARG A 270 29.12 13.82 0.32
CA ARG A 270 28.23 12.78 0.86
C ARG A 270 27.52 13.23 2.14
N GLU A 271 28.17 14.08 2.92
CA GLU A 271 27.61 14.60 4.19
C GLU A 271 26.63 15.75 4.00
N ILE A 272 26.78 16.50 2.91
CA ILE A 272 25.79 17.55 2.59
C ILE A 272 24.51 16.86 2.12
N TRP A 273 24.66 15.67 1.56
CA TRP A 273 23.52 14.86 1.17
C TRP A 273 22.77 14.38 2.41
N ARG A 274 23.48 13.72 3.32
CA ARG A 274 22.83 13.15 4.53
C ARG A 274 22.14 14.19 5.42
N THR A 275 22.65 15.42 5.37
CA THR A 275 22.23 16.50 6.28
C THR A 275 21.23 17.49 5.67
N ILE A 276 21.42 17.80 4.40
CA ILE A 276 20.58 18.81 3.71
C ILE A 276 19.68 18.19 2.64
N ASN A 277 20.29 17.64 1.60
CA ASN A 277 19.55 17.25 0.39
C ASN A 277 18.78 15.93 0.47
N ARG A 278 19.18 15.02 1.37
CA ARG A 278 18.43 13.77 1.56
C ARG A 278 17.16 14.05 2.36
N PRO A 279 17.29 14.67 3.56
CA PRO A 279 16.12 15.38 4.06
C PRO A 279 15.74 16.44 3.04
N ASN A 280 14.53 16.97 3.14
CA ASN A 280 13.99 17.90 2.14
C ASN A 280 13.39 17.16 0.95
N LEU A 281 14.04 16.06 0.57
CA LEU A 281 13.44 15.13 -0.39
C LEU A 281 12.33 14.36 0.30
N VAL A 282 12.66 13.79 1.45
CA VAL A 282 11.73 12.93 2.19
C VAL A 282 10.50 13.69 2.69
N GLU A 283 10.74 14.86 3.30
CA GLU A 283 9.68 15.61 4.00
C GLU A 283 8.91 16.57 3.10
N ASN A 284 9.63 17.22 2.19
CA ASN A 284 9.10 18.34 1.41
C ASN A 284 8.79 18.04 -0.05
N ILE A 285 9.66 17.27 -0.70
CA ILE A 285 9.53 17.01 -2.14
C ILE A 285 8.72 15.76 -2.45
N LEU A 286 9.16 14.62 -1.91
CA LEU A 286 8.50 13.33 -2.20
C LEU A 286 6.99 13.38 -2.04
N PRO A 287 6.48 13.92 -0.91
CA PRO A 287 5.03 14.05 -0.70
C PRO A 287 4.24 14.77 -1.82
N THR A 288 4.92 15.53 -2.67
CA THR A 288 4.27 16.20 -3.79
C THR A 288 4.16 15.33 -5.04
N ARG A 289 4.84 14.19 -5.03
CA ARG A 289 4.87 13.27 -6.17
C ARG A 289 3.48 12.90 -6.72
N PRO A 290 2.54 12.52 -5.82
CA PRO A 290 1.23 12.11 -6.29
C PRO A 290 0.47 13.20 -7.02
N ARG A 291 0.66 14.45 -6.59
CA ARG A 291 -0.07 15.58 -7.20
C ARG A 291 0.55 16.02 -8.53
N ALA A 292 1.61 15.36 -8.97
CA ALA A 292 2.22 15.62 -10.29
C ALA A 292 1.35 15.08 -11.42
N THR A 293 1.39 15.77 -12.56
CA THR A 293 0.60 15.37 -13.75
C THR A 293 1.29 14.24 -14.49
N LEU A 294 2.62 14.26 -14.46
CA LEU A 294 3.43 13.20 -15.06
C LEU A 294 4.65 12.89 -14.20
N VAL A 295 4.94 11.60 -14.06
CA VAL A 295 6.12 11.12 -13.32
C VAL A 295 7.10 10.45 -14.29
N LEU A 296 8.39 10.64 -14.02
CA LEU A 296 9.48 10.09 -14.86
C LEU A 296 10.53 9.39 -14.02
N ARG A 297 10.28 8.12 -13.68
CA ARG A 297 11.25 7.32 -12.94
C ARG A 297 12.47 7.05 -13.80
N LYS A 298 13.61 7.52 -13.32
CA LYS A 298 14.90 7.29 -13.98
C LYS A 298 15.62 6.15 -13.28
N ASP A 299 16.16 5.25 -14.09
CA ASP A 299 16.92 4.09 -13.61
C ASP A 299 18.30 4.52 -13.09
N ALA A 300 18.99 3.56 -12.48
CA ALA A 300 20.34 3.78 -11.90
C ALA A 300 21.29 4.56 -12.81
N ASP A 301 21.28 4.23 -14.09
CA ASP A 301 22.17 4.86 -15.07
C ASP A 301 21.41 5.87 -15.97
N HIS A 302 20.58 6.70 -15.33
CA HIS A 302 19.88 7.85 -15.97
C HIS A 302 18.77 7.50 -16.95
N SER A 303 18.73 6.24 -17.37
CA SER A 303 17.71 5.78 -18.31
C SER A 303 16.34 5.87 -17.66
N ILE A 304 15.32 6.11 -18.47
CA ILE A 304 13.96 6.29 -17.98
C ILE A 304 13.11 5.09 -18.34
N ASN A 305 12.88 4.19 -17.38
CA ASN A 305 12.05 3.00 -17.65
C ASN A 305 10.54 3.22 -17.48
N ARG A 306 10.13 3.73 -16.33
CA ARG A 306 8.69 3.80 -15.97
C ARG A 306 8.08 5.20 -16.10
N LEU A 307 6.78 5.24 -16.44
CA LEU A 307 6.02 6.49 -16.59
C LEU A 307 4.59 6.38 -16.06
N ARG A 308 4.38 6.89 -14.85
CA ARG A 308 3.03 7.04 -14.28
C ARG A 308 2.46 8.40 -14.70
N LEU A 309 1.32 8.37 -15.39
CA LEU A 309 0.65 9.58 -15.91
C LEU A 309 -0.74 9.75 -15.29
N ARG A 310 -1.04 10.97 -14.86
CA ARG A 310 -2.37 11.31 -14.34
C ARG A 310 -3.33 11.62 -15.49
N LYS A 311 -4.27 10.70 -15.72
CA LYS A 311 -5.33 10.89 -16.73
C LYS A 311 -6.52 11.64 -16.13
N LEU A 312 -6.77 11.39 -14.84
CA LEU A 312 -7.85 12.06 -14.11
C LEU A 312 -7.42 13.36 -13.41
N SER B 5 -0.96 49.34 -10.04
CA SER B 5 -1.59 48.04 -10.44
C SER B 5 -0.61 46.88 -10.26
N GLU B 6 -0.73 46.17 -9.14
CA GLU B 6 0.06 44.98 -8.85
C GLU B 6 -0.91 43.80 -8.79
N PRO B 7 -0.64 42.73 -9.55
CA PRO B 7 -1.71 41.82 -9.91
C PRO B 7 -2.07 40.78 -8.84
N SER B 8 -3.36 40.63 -8.59
CA SER B 8 -3.89 39.58 -7.74
C SER B 8 -4.44 38.46 -8.62
N PRO B 9 -4.43 37.21 -8.12
CA PRO B 9 -5.04 36.10 -8.85
C PRO B 9 -6.57 36.13 -8.87
N TYR B 10 -7.16 36.75 -7.85
CA TYR B 10 -8.63 36.77 -7.69
C TYR B 10 -9.30 37.95 -8.39
N VAL B 11 -10.63 37.88 -8.44
CA VAL B 11 -11.48 39.00 -8.87
C VAL B 11 -12.71 39.11 -7.96
N GLU B 12 -12.71 40.14 -7.11
CA GLU B 12 -13.74 40.30 -6.08
C GLU B 12 -14.95 41.10 -6.54
N PHE B 13 -16.14 40.59 -6.23
CA PHE B 13 -17.39 41.29 -6.50
C PHE B 13 -18.22 41.43 -5.24
N ASP B 14 -19.14 42.38 -5.30
CA ASP B 14 -20.25 42.45 -4.36
C ASP B 14 -21.48 41.86 -5.03
N ARG B 15 -22.59 41.86 -4.32
CA ARG B 15 -23.84 41.30 -4.82
C ARG B 15 -24.30 42.00 -6.10
N ARG B 16 -24.28 43.33 -6.11
CA ARG B 16 -24.79 44.07 -7.28
C ARG B 16 -23.90 43.88 -8.52
N GLN B 17 -22.59 43.90 -8.31
CA GLN B 17 -21.60 43.66 -9.40
C GLN B 17 -21.86 42.32 -10.10
N TRP B 18 -21.84 41.26 -9.30
CA TRP B 18 -22.03 39.87 -9.76
C TRP B 18 -23.41 39.66 -10.38
N ARG B 19 -24.44 40.21 -9.73
CA ARG B 19 -25.85 40.10 -10.22
C ARG B 19 -26.02 40.57 -11.65
N ALA B 20 -25.16 41.50 -12.07
CA ALA B 20 -25.22 42.06 -13.43
C ALA B 20 -24.47 41.22 -14.46
N LEU B 21 -24.29 39.93 -14.16
CA LEU B 21 -23.66 38.96 -15.09
C LEU B 21 -24.66 37.90 -15.59
N ARG B 22 -25.94 38.14 -15.31
CA ARG B 22 -27.00 37.21 -15.70
C ARG B 22 -27.11 37.15 -17.22
N MET B 23 -27.50 35.99 -17.76
CA MET B 23 -27.63 35.84 -19.20
C MET B 23 -28.84 36.60 -19.72
N SER B 24 -29.92 36.59 -18.92
CA SER B 24 -31.10 37.42 -19.17
C SER B 24 -31.56 38.05 -17.87
N GLU B 42 -34.22 24.22 5.93
CA GLU B 42 -34.53 25.41 6.72
C GLU B 42 -35.44 26.43 6.03
N GLN B 43 -34.84 27.38 5.32
CA GLN B 43 -35.51 28.10 4.24
C GLN B 43 -34.52 28.85 3.35
N ILE B 44 -34.39 28.32 2.13
CA ILE B 44 -33.58 28.91 1.09
C ILE B 44 -34.23 30.21 0.59
N ASP B 45 -33.54 31.32 0.80
CA ASP B 45 -33.98 32.60 0.27
C ASP B 45 -34.07 32.48 -1.25
N LEU B 46 -35.23 32.81 -1.79
CA LEU B 46 -35.50 32.59 -3.22
C LEU B 46 -34.85 33.66 -4.10
N LEU B 47 -34.74 34.88 -3.56
CA LEU B 47 -34.10 35.99 -4.28
C LEU B 47 -32.66 35.63 -4.65
N GLU B 48 -31.91 35.16 -3.65
CA GLU B 48 -30.47 34.88 -3.81
C GLU B 48 -30.15 33.85 -4.90
N VAL B 49 -31.15 33.05 -5.27
CA VAL B 49 -31.03 32.12 -6.40
C VAL B 49 -30.74 32.87 -7.70
N GLU B 50 -31.69 33.71 -8.10
CA GLU B 50 -31.60 34.46 -9.38
C GLU B 50 -30.46 35.48 -9.41
N GLU B 51 -30.06 35.94 -8.24
CA GLU B 51 -29.01 36.98 -8.10
C GLU B 51 -27.59 36.41 -7.95
N VAL B 52 -27.45 35.33 -7.20
CA VAL B 52 -26.12 34.77 -6.84
C VAL B 52 -25.85 33.37 -7.42
N TYR B 53 -26.82 32.47 -7.33
CA TYR B 53 -26.60 31.07 -7.71
C TYR B 53 -26.82 30.80 -9.18
N LEU B 54 -27.99 31.18 -9.66
CA LEU B 54 -28.33 31.05 -11.09
C LEU B 54 -27.19 31.56 -11.98
N PRO B 55 -26.59 32.71 -11.64
CA PRO B 55 -25.41 33.13 -12.40
C PRO B 55 -24.24 32.17 -12.24
N LEU B 56 -23.97 31.82 -10.98
CA LEU B 56 -22.91 30.85 -10.62
C LEU B 56 -23.01 29.53 -11.38
N ALA B 57 -24.24 29.10 -11.62
CA ALA B 57 -24.50 27.87 -12.37
C ALA B 57 -24.05 27.99 -13.83
N ARG B 58 -24.36 29.12 -14.45
CA ARG B 58 -23.99 29.40 -15.85
C ARG B 58 -22.47 29.34 -16.03
N LEU B 59 -21.74 29.89 -15.07
CA LEU B 59 -20.29 29.83 -15.06
C LEU B 59 -19.81 28.38 -15.20
N ILE B 60 -20.29 27.53 -14.30
CA ILE B 60 -19.91 26.11 -14.26
C ILE B 60 -20.30 25.37 -15.54
N HIS B 61 -21.47 25.66 -16.07
CA HIS B 61 -21.90 25.09 -17.35
C HIS B 61 -20.86 25.33 -18.45
N LEU B 62 -20.33 26.55 -18.51
CA LEU B 62 -19.32 26.93 -19.53
C LEU B 62 -17.99 26.21 -19.36
N GLN B 63 -17.68 25.87 -18.11
CA GLN B 63 -16.44 25.18 -17.78
C GLN B 63 -16.56 23.67 -17.94
N VAL B 64 -17.76 23.16 -17.76
CA VAL B 64 -18.02 21.71 -17.85
C VAL B 64 -17.64 21.22 -19.26
N ALA B 65 -18.10 21.95 -20.28
CA ALA B 65 -17.88 21.57 -21.67
C ALA B 65 -16.44 21.82 -22.10
N ALA B 66 -15.83 22.85 -21.53
CA ALA B 66 -14.44 23.18 -21.81
C ALA B 66 -13.51 22.13 -21.21
N ARG B 67 -13.76 21.81 -19.94
CA ARG B 67 -12.98 20.79 -19.22
C ARG B 67 -13.17 19.39 -19.81
N GLN B 68 -14.28 19.20 -20.50
CA GLN B 68 -14.53 17.99 -21.28
C GLN B 68 -13.53 17.88 -22.45
N ARG B 69 -13.32 18.99 -23.17
CA ARG B 69 -12.36 19.04 -24.30
C ARG B 69 -10.95 18.63 -23.89
N LEU B 70 -10.55 19.10 -22.72
CA LEU B 70 -9.21 18.86 -22.18
C LEU B 70 -8.99 17.37 -21.91
N PHE B 71 -9.87 16.80 -21.10
CA PHE B 71 -9.83 15.35 -20.82
C PHE B 71 -9.95 14.54 -22.11
N ALA B 72 -10.72 15.06 -23.05
CA ALA B 72 -10.85 14.47 -24.39
C ALA B 72 -9.58 14.62 -25.25
N ALA B 73 -8.65 15.44 -24.77
CA ALA B 73 -7.38 15.70 -25.46
C ALA B 73 -6.22 14.82 -24.96
N THR B 74 -6.32 14.33 -23.73
CA THR B 74 -5.42 13.26 -23.23
C THR B 74 -5.82 11.92 -23.84
N ALA B 75 -7.11 11.77 -24.11
CA ALA B 75 -7.67 10.59 -24.77
C ALA B 75 -7.19 10.51 -26.21
N GLU B 76 -7.42 11.57 -26.97
CA GLU B 76 -7.00 11.65 -28.38
C GLU B 76 -5.50 11.42 -28.52
N PHE B 77 -4.75 11.83 -27.50
CA PHE B 77 -3.30 11.62 -27.44
C PHE B 77 -2.93 10.15 -27.28
N LEU B 78 -3.59 9.50 -26.33
CA LEU B 78 -3.37 8.07 -26.04
C LEU B 78 -3.98 7.12 -27.08
N GLY B 79 -4.81 7.66 -27.97
CA GLY B 79 -5.33 6.90 -29.10
C GLY B 79 -6.40 5.90 -28.70
N ASP B 86 -18.58 4.72 -23.25
CA ASP B 86 -17.70 5.87 -23.41
C ASP B 86 -18.50 7.16 -23.62
N ARG B 87 -19.25 7.54 -22.58
CA ARG B 87 -19.81 8.87 -22.42
C ARG B 87 -18.68 9.79 -21.90
N PRO B 88 -18.98 11.07 -21.57
CA PRO B 88 -17.90 11.92 -21.08
C PRO B 88 -17.59 11.74 -19.61
N VAL B 89 -16.52 12.39 -19.17
CA VAL B 89 -15.96 12.21 -17.82
C VAL B 89 -16.75 13.05 -16.83
N PRO B 90 -17.03 12.51 -15.62
CA PRO B 90 -17.69 13.33 -14.60
C PRO B 90 -16.96 14.61 -14.23
N PHE B 91 -17.74 15.67 -14.11
CA PHE B 91 -17.27 16.94 -13.59
C PHE B 91 -17.43 16.92 -12.08
N ILE B 92 -16.32 17.14 -11.39
CA ILE B 92 -16.27 17.02 -9.94
C ILE B 92 -16.25 18.40 -9.26
N ILE B 93 -17.31 18.67 -8.49
CA ILE B 93 -17.43 19.93 -7.78
C ILE B 93 -17.34 19.70 -6.28
N GLY B 94 -16.30 20.26 -5.69
CA GLY B 94 -16.15 20.25 -4.23
C GLY B 94 -16.82 21.46 -3.61
N VAL B 95 -17.29 21.31 -2.39
CA VAL B 95 -17.95 22.37 -1.63
C VAL B 95 -17.48 22.37 -0.17
N ALA B 96 -16.71 23.39 0.19
CA ALA B 96 -16.06 23.47 1.50
C ALA B 96 -16.60 24.61 2.38
N GLY B 97 -16.18 24.59 3.64
CA GLY B 97 -16.58 25.59 4.62
C GLY B 97 -16.63 24.95 5.99
N SER B 98 -16.89 25.75 7.01
CA SER B 98 -17.10 25.20 8.35
C SER B 98 -18.47 24.54 8.42
N VAL B 99 -18.70 23.79 9.48
CA VAL B 99 -20.04 23.26 9.74
C VAL B 99 -20.98 24.42 10.10
N ALA B 100 -22.26 24.26 9.76
CA ALA B 100 -23.34 25.24 10.07
C ALA B 100 -23.37 26.50 9.17
N VAL B 101 -22.35 26.66 8.33
CA VAL B 101 -22.23 27.84 7.46
C VAL B 101 -23.24 27.78 6.31
N GLY B 102 -23.63 26.56 5.95
CA GLY B 102 -24.63 26.33 4.92
C GLY B 102 -24.09 25.70 3.64
N LYS B 103 -23.15 24.78 3.78
CA LYS B 103 -22.65 24.00 2.63
C LYS B 103 -23.79 23.18 2.03
N SER B 104 -24.41 22.39 2.91
CA SER B 104 -25.50 21.48 2.56
C SER B 104 -26.48 22.09 1.59
N THR B 105 -27.20 23.11 2.05
CA THR B 105 -28.21 23.77 1.21
C THR B 105 -27.56 24.41 -0.01
N THR B 106 -26.43 25.08 0.20
CA THR B 106 -25.70 25.74 -0.90
C THR B 106 -25.49 24.79 -2.05
N ALA B 107 -25.00 23.59 -1.72
CA ALA B 107 -24.79 22.53 -2.70
C ALA B 107 -26.11 22.02 -3.27
N ARG B 108 -27.02 21.66 -2.35
CA ARG B 108 -28.36 21.12 -2.70
C ARG B 108 -29.06 21.95 -3.74
N VAL B 109 -28.88 23.26 -3.62
CA VAL B 109 -29.44 24.22 -4.57
C VAL B 109 -28.76 24.10 -5.94
N LEU B 110 -27.44 24.08 -5.96
CA LEU B 110 -26.71 24.01 -7.24
C LEU B 110 -27.03 22.71 -8.00
N GLN B 111 -27.29 21.64 -7.25
CA GLN B 111 -27.78 20.39 -7.84
C GLN B 111 -29.05 20.63 -8.65
N ALA B 112 -29.96 21.42 -8.10
CA ALA B 112 -31.21 21.76 -8.78
C ALA B 112 -30.96 22.53 -10.08
N LEU B 113 -30.25 23.63 -9.99
CA LEU B 113 -30.07 24.53 -11.15
C LEU B 113 -29.24 23.93 -12.29
N LEU B 114 -28.15 23.25 -11.92
CA LEU B 114 -27.27 22.61 -12.89
C LEU B 114 -27.98 21.52 -13.70
N ALA B 115 -28.78 20.72 -13.00
CA ALA B 115 -29.58 19.65 -13.60
C ALA B 115 -30.54 20.18 -14.67
N ARG B 116 -31.00 21.41 -14.48
CA ARG B 116 -31.94 22.06 -15.39
C ARG B 116 -31.38 22.43 -16.77
N TRP B 117 -30.18 21.95 -17.10
CA TRP B 117 -29.51 22.33 -18.35
C TRP B 117 -29.76 21.42 -19.56
N ASP B 118 -30.08 20.16 -19.31
CA ASP B 118 -30.38 19.19 -20.39
C ASP B 118 -29.11 18.79 -21.12
N HIS B 119 -28.38 19.79 -21.61
CA HIS B 119 -27.00 19.60 -22.13
C HIS B 119 -26.16 18.63 -21.31
N HIS B 120 -26.51 18.49 -20.02
CA HIS B 120 -25.67 17.77 -19.09
C HIS B 120 -26.37 17.52 -17.73
N PRO B 121 -27.46 16.75 -17.75
CA PRO B 121 -28.21 16.54 -16.52
C PRO B 121 -27.73 15.30 -15.76
N ARG B 122 -28.32 15.10 -14.60
CA ARG B 122 -27.91 14.00 -13.74
C ARG B 122 -26.72 14.42 -12.86
N VAL B 123 -26.90 15.55 -12.17
CA VAL B 123 -26.02 15.94 -11.07
C VAL B 123 -26.38 15.11 -9.85
N ASP B 124 -25.39 14.45 -9.28
CA ASP B 124 -25.59 13.76 -8.01
C ASP B 124 -24.78 14.45 -6.93
N LEU B 125 -25.30 14.42 -5.72
CA LEU B 125 -24.69 15.09 -4.59
C LEU B 125 -24.35 14.10 -3.50
N VAL B 126 -23.10 14.11 -3.06
CA VAL B 126 -22.65 13.23 -2.00
C VAL B 126 -22.03 14.04 -0.87
N THR B 127 -22.51 13.76 0.33
CA THR B 127 -21.94 14.32 1.55
C THR B 127 -20.71 13.50 1.92
N THR B 128 -19.68 14.17 2.41
CA THR B 128 -18.45 13.51 2.85
C THR B 128 -18.62 12.94 4.26
N ASP B 129 -19.68 13.34 4.95
CA ASP B 129 -19.94 12.89 6.32
C ASP B 129 -20.11 11.38 6.42
N GLY B 130 -20.80 10.82 5.42
CA GLY B 130 -20.97 9.36 5.30
C GLY B 130 -19.67 8.57 5.36
N PHE B 131 -18.57 9.25 5.09
CA PHE B 131 -17.24 8.63 5.09
C PHE B 131 -16.53 8.68 6.43
N LEU B 132 -17.07 9.44 7.36
CA LEU B 132 -16.56 9.39 8.73
C LEU B 132 -16.47 7.92 9.13
N TYR B 133 -15.61 7.62 10.09
CA TYR B 133 -15.70 6.34 10.77
C TYR B 133 -16.99 6.32 11.58
N PRO B 134 -17.55 5.11 11.83
CA PRO B 134 -18.62 5.04 12.82
C PRO B 134 -18.08 5.31 14.22
N ASN B 135 -18.89 5.98 15.04
CA ASN B 135 -18.48 6.38 16.39
C ASN B 135 -17.79 5.25 17.18
N ALA B 136 -18.31 4.04 17.04
CA ALA B 136 -17.71 2.84 17.63
C ALA B 136 -16.22 2.76 17.30
N GLU B 137 -15.89 2.94 16.04
CA GLU B 137 -14.49 2.96 15.57
C GLU B 137 -13.71 4.08 16.24
N LEU B 138 -14.23 5.29 16.14
CA LEU B 138 -13.59 6.48 16.72
C LEU B 138 -13.24 6.26 18.20
N GLN B 139 -14.15 5.61 18.91
CA GLN B 139 -13.97 5.29 20.33
C GLN B 139 -12.71 4.46 20.56
N ARG B 140 -12.49 3.49 19.68
CA ARG B 140 -11.33 2.60 19.76
C ARG B 140 -10.01 3.34 19.47
N ARG B 141 -10.06 4.30 18.56
CA ARG B 141 -8.88 5.14 18.24
C ARG B 141 -8.78 6.43 19.09
N ASN B 142 -9.76 6.62 19.98
CA ASN B 142 -9.83 7.81 20.85
C ASN B 142 -9.84 9.13 20.07
N LEU B 143 -10.82 9.26 19.17
CA LEU B 143 -10.93 10.44 18.30
C LEU B 143 -12.31 11.11 18.31
N MET B 144 -13.06 10.91 19.38
CA MET B 144 -14.42 11.48 19.47
C MET B 144 -14.35 12.99 19.66
N HIS B 145 -13.34 13.44 20.39
CA HIS B 145 -13.09 14.87 20.61
C HIS B 145 -12.50 15.54 19.37
N ARG B 146 -11.89 14.76 18.48
CA ARG B 146 -11.47 15.27 17.15
C ARG B 146 -12.37 14.71 16.06
N LYS B 147 -13.68 14.74 16.29
CA LYS B 147 -14.67 14.29 15.32
C LYS B 147 -14.93 15.39 14.30
N GLY B 148 -14.83 15.05 13.02
CA GLY B 148 -14.89 16.03 11.93
C GLY B 148 -13.53 16.48 11.41
N PHE B 149 -12.48 16.21 12.18
CA PHE B 149 -11.09 16.47 11.78
C PHE B 149 -10.71 15.55 10.61
N PRO B 150 -9.56 15.80 9.95
CA PRO B 150 -9.20 14.93 8.82
C PRO B 150 -8.85 13.50 9.22
N GLU B 151 -8.47 13.32 10.49
CA GLU B 151 -8.24 12.00 11.08
C GLU B 151 -9.50 11.15 11.13
N SER B 152 -10.65 11.80 11.24
CA SER B 152 -11.95 11.16 11.48
C SER B 152 -12.53 10.39 10.31
N TYR B 153 -11.98 10.64 9.13
CA TYR B 153 -12.56 10.09 7.90
C TYR B 153 -11.81 8.84 7.42
N ASN B 154 -12.42 8.20 6.42
CA ASN B 154 -11.84 7.04 5.75
C ASN B 154 -11.41 7.47 4.36
N ARG B 155 -10.23 8.08 4.30
CA ARG B 155 -9.73 8.75 3.10
C ARG B 155 -9.57 7.83 1.89
N ARG B 156 -9.06 6.62 2.14
CA ARG B 156 -8.91 5.62 1.08
C ARG B 156 -10.28 5.22 0.53
N ALA B 157 -11.19 4.90 1.44
CA ALA B 157 -12.58 4.56 1.09
C ALA B 157 -13.24 5.71 0.33
N LEU B 158 -13.06 6.91 0.88
CA LEU B 158 -13.51 8.15 0.24
C LEU B 158 -12.95 8.29 -1.17
N MET B 159 -11.66 8.07 -1.34
CA MET B 159 -11.04 8.27 -2.64
C MET B 159 -11.34 7.16 -3.64
N ARG B 160 -11.11 5.93 -3.24
CA ARG B 160 -11.44 4.78 -4.07
C ARG B 160 -12.80 5.04 -4.71
N PHE B 161 -13.71 5.55 -3.89
CA PHE B 161 -15.06 5.94 -4.30
C PHE B 161 -15.08 7.08 -5.32
N VAL B 162 -14.41 8.17 -5.00
CA VAL B 162 -14.32 9.33 -5.91
C VAL B 162 -13.56 8.96 -7.19
N THR B 163 -12.44 8.25 -7.02
CA THR B 163 -11.64 7.76 -8.13
C THR B 163 -12.48 6.87 -9.04
N SER B 164 -13.31 6.06 -8.42
CA SER B 164 -14.23 5.17 -9.15
C SER B 164 -15.21 5.96 -9.99
N VAL B 165 -15.82 6.97 -9.37
CA VAL B 165 -16.80 7.83 -10.05
C VAL B 165 -16.23 8.42 -11.33
N LYS B 166 -15.09 9.09 -11.19
CA LYS B 166 -14.52 9.87 -12.29
C LYS B 166 -13.86 9.01 -13.35
N SER B 167 -13.46 7.80 -12.95
CA SER B 167 -13.03 6.77 -13.92
C SER B 167 -14.07 6.58 -15.02
N GLY B 168 -15.33 6.57 -14.58
CA GLY B 168 -16.49 6.29 -15.43
C GLY B 168 -17.10 4.95 -15.08
N SER B 169 -17.14 4.63 -13.79
CA SER B 169 -17.65 3.34 -13.31
C SER B 169 -19.15 3.31 -13.41
N ASP B 170 -19.68 2.23 -13.99
CA ASP B 170 -21.12 2.06 -14.25
C ASP B 170 -21.97 2.48 -13.04
N TYR B 171 -21.52 2.09 -11.87
CA TYR B 171 -22.12 2.56 -10.62
C TYR B 171 -21.05 2.65 -9.54
N ALA B 172 -21.42 3.29 -8.43
CA ALA B 172 -20.55 3.42 -7.26
C ALA B 172 -21.35 3.74 -5.99
N CYS B 173 -21.04 3.03 -4.91
CA CYS B 173 -21.79 3.12 -3.67
C CYS B 173 -21.05 3.92 -2.61
N ALA B 174 -21.78 4.79 -1.93
CA ALA B 174 -21.25 5.64 -0.85
C ALA B 174 -22.15 5.61 0.36
N PRO B 175 -21.58 5.50 1.57
CA PRO B 175 -22.37 5.41 2.79
C PRO B 175 -23.06 6.71 3.15
N VAL B 176 -23.77 6.71 4.28
CA VAL B 176 -24.51 7.90 4.72
C VAL B 176 -24.44 8.16 6.23
N TYR B 177 -24.61 9.43 6.58
CA TYR B 177 -24.46 9.91 7.96
C TYR B 177 -25.80 10.31 8.57
N SER B 178 -25.90 10.17 9.88
CA SER B 178 -27.08 10.59 10.63
C SER B 178 -26.75 11.71 11.63
N HIS B 179 -27.18 12.91 11.30
CA HIS B 179 -27.05 14.05 12.22
C HIS B 179 -28.08 13.90 13.32
N LEU B 180 -29.19 13.25 12.99
CA LEU B 180 -30.22 12.89 13.98
C LEU B 180 -29.65 11.86 14.96
N HIS B 181 -29.36 10.66 14.46
CA HIS B 181 -28.84 9.57 15.33
C HIS B 181 -27.41 9.85 15.84
N TYR B 182 -26.74 10.84 15.26
CA TYR B 182 -25.44 11.33 15.76
C TYR B 182 -24.27 10.47 15.26
N ASP B 183 -24.54 9.61 14.27
CA ASP B 183 -23.53 8.67 13.75
C ASP B 183 -23.87 8.15 12.35
N ILE B 184 -23.13 7.15 11.90
CA ILE B 184 -23.34 6.55 10.58
C ILE B 184 -24.51 5.58 10.61
N ILE B 185 -25.38 5.69 9.59
CA ILE B 185 -26.51 4.76 9.42
C ILE B 185 -25.96 3.45 8.87
N PRO B 186 -25.98 2.38 9.68
CA PRO B 186 -25.40 1.14 9.20
C PRO B 186 -26.18 0.53 8.05
N GLY B 187 -25.44 0.01 7.08
CA GLY B 187 -26.01 -0.62 5.90
C GLY B 187 -26.96 0.26 5.10
N ALA B 188 -26.66 1.54 5.08
CA ALA B 188 -27.41 2.50 4.27
C ALA B 188 -26.50 3.00 3.15
N GLU B 189 -26.96 2.83 1.92
CA GLU B 189 -26.12 3.03 0.74
C GLU B 189 -26.69 4.07 -0.23
N GLN B 190 -25.90 5.11 -0.49
CA GLN B 190 -26.20 6.05 -1.57
C GLN B 190 -25.47 5.63 -2.85
N VAL B 191 -26.25 5.36 -3.89
CA VAL B 191 -25.71 4.87 -5.15
C VAL B 191 -25.50 6.03 -6.11
N VAL B 192 -24.37 6.03 -6.79
CA VAL B 192 -24.07 7.00 -7.84
C VAL B 192 -23.94 6.25 -9.16
N ARG B 193 -24.78 6.60 -10.12
CA ARG B 193 -24.80 5.94 -11.44
C ARG B 193 -24.29 6.84 -12.57
N HIS B 194 -22.99 6.71 -12.85
CA HIS B 194 -22.27 7.47 -13.89
C HIS B 194 -22.86 8.86 -14.21
N PRO B 195 -22.72 9.80 -13.26
CA PRO B 195 -23.30 11.12 -13.42
C PRO B 195 -22.46 12.02 -14.30
N ASP B 196 -23.11 12.84 -15.13
CA ASP B 196 -22.40 13.85 -15.92
C ASP B 196 -21.64 14.80 -14.99
N ILE B 197 -22.25 15.09 -13.83
CA ILE B 197 -21.68 15.97 -12.82
C ILE B 197 -21.87 15.36 -11.44
N LEU B 198 -20.85 15.49 -10.60
CA LEU B 198 -20.95 15.12 -9.20
C LEU B 198 -20.61 16.32 -8.32
N ILE B 199 -21.28 16.40 -7.18
CA ILE B 199 -21.00 17.42 -6.16
C ILE B 199 -20.55 16.75 -4.86
N LEU B 200 -19.53 17.34 -4.24
CA LEU B 200 -18.87 16.74 -3.09
C LEU B 200 -18.87 17.71 -1.91
N GLU B 201 -19.91 17.64 -1.08
CA GLU B 201 -20.01 18.50 0.09
C GLU B 201 -19.33 17.88 1.30
N GLY B 202 -18.42 18.62 1.91
CA GLY B 202 -17.75 18.17 3.13
C GLY B 202 -16.88 19.19 3.85
N LEU B 203 -16.68 18.95 5.14
CA LEU B 203 -15.83 19.81 5.97
C LEU B 203 -14.42 19.75 5.42
N ASN B 204 -13.85 18.56 5.49
CA ASN B 204 -12.56 18.26 4.90
C ASN B 204 -12.81 17.67 3.53
N VAL B 205 -12.25 18.32 2.52
CA VAL B 205 -12.64 18.06 1.13
C VAL B 205 -11.67 18.78 0.19
N LEU B 206 -11.35 20.02 0.53
CA LEU B 206 -10.31 20.81 -0.16
C LEU B 206 -8.92 20.56 0.44
N GLN B 207 -8.77 19.42 1.10
CA GLN B 207 -7.56 19.11 1.85
C GLN B 207 -6.47 18.50 1.00
N THR B 208 -5.23 18.75 1.42
CA THR B 208 -4.05 18.31 0.70
C THR B 208 -3.05 17.66 1.66
N GLY B 209 -2.42 16.58 1.21
CA GLY B 209 -1.47 15.83 2.02
C GLY B 209 -0.49 15.00 1.19
N PRO B 210 0.34 14.18 1.88
CA PRO B 210 1.34 13.30 1.25
C PRO B 210 0.76 12.20 0.38
N THR B 211 -0.38 11.67 0.80
CA THR B 211 -1.17 10.78 -0.05
C THR B 211 -1.79 11.64 -1.15
N LEU B 212 -2.08 11.03 -2.29
CA LEU B 212 -2.93 11.69 -3.29
C LEU B 212 -4.30 11.87 -2.65
N MET B 213 -4.96 12.99 -2.93
CA MET B 213 -6.20 13.33 -2.25
C MET B 213 -7.34 13.78 -3.16
N VAL B 214 -8.53 13.81 -2.58
CA VAL B 214 -9.77 14.07 -3.33
C VAL B 214 -9.79 15.49 -3.87
N SER B 215 -9.15 16.39 -3.12
CA SER B 215 -8.87 17.78 -3.54
C SER B 215 -8.23 17.87 -4.92
N ASP B 216 -7.26 16.99 -5.16
CA ASP B 216 -6.54 16.91 -6.44
C ASP B 216 -7.44 16.49 -7.61
N LEU B 217 -8.56 15.85 -7.29
CA LEU B 217 -9.51 15.36 -8.31
C LEU B 217 -10.64 16.35 -8.68
N PHE B 218 -10.78 17.43 -7.92
CA PHE B 218 -11.81 18.43 -8.20
C PHE B 218 -11.53 19.18 -9.49
N ASP B 219 -12.60 19.56 -10.17
CA ASP B 219 -12.54 20.42 -11.34
C ASP B 219 -13.02 21.84 -11.02
N PHE B 220 -13.65 22.00 -9.86
CA PHE B 220 -14.17 23.30 -9.41
C PHE B 220 -14.46 23.27 -7.91
N SER B 221 -13.82 24.16 -7.17
CA SER B 221 -14.07 24.26 -5.72
C SER B 221 -14.98 25.42 -5.34
N LEU B 222 -15.77 25.19 -4.30
CA LEU B 222 -16.56 26.22 -3.62
C LEU B 222 -16.17 26.28 -2.16
N TYR B 223 -15.89 27.48 -1.68
CA TYR B 223 -15.74 27.70 -0.24
C TYR B 223 -16.90 28.61 0.20
N VAL B 224 -17.69 28.12 1.15
CA VAL B 224 -18.75 28.93 1.75
C VAL B 224 -18.19 29.47 3.06
N ASP B 225 -17.98 30.79 3.09
CA ASP B 225 -17.27 31.48 4.18
C ASP B 225 -18.17 32.44 4.94
N ALA B 226 -17.80 32.65 6.20
CA ALA B 226 -18.39 33.66 7.06
C ALA B 226 -17.43 34.01 8.18
N ARG B 227 -17.88 34.89 9.06
CA ARG B 227 -17.10 35.35 10.19
C ARG B 227 -17.17 34.32 11.34
N ILE B 228 -16.04 34.14 12.05
CA ILE B 228 -15.85 33.01 12.99
C ILE B 228 -16.69 33.15 14.26
N GLU B 229 -16.52 34.25 14.97
CA GLU B 229 -17.36 34.57 16.14
C GLU B 229 -18.86 34.60 15.75
N ASP B 230 -19.13 34.90 14.48
CA ASP B 230 -20.50 34.96 13.95
C ASP B 230 -21.11 33.57 13.73
N ILE B 231 -20.36 32.70 13.05
CA ILE B 231 -20.82 31.33 12.73
C ILE B 231 -21.30 30.60 13.99
N GLU B 232 -20.58 30.81 15.09
CA GLU B 232 -20.98 30.28 16.39
C GLU B 232 -22.49 30.40 16.59
N GLN B 233 -23.00 31.60 16.43
CA GLN B 233 -24.44 31.87 16.62
C GLN B 233 -25.32 30.98 15.72
N TRP B 234 -24.87 30.75 14.49
CA TRP B 234 -25.62 29.94 13.52
C TRP B 234 -25.63 28.47 13.91
N TYR B 235 -24.48 28.00 14.35
CA TYR B 235 -24.31 26.60 14.79
C TYR B 235 -25.18 26.32 16.02
N VAL B 236 -25.02 27.16 17.03
CA VAL B 236 -25.87 27.12 18.23
C VAL B 236 -27.35 27.10 17.83
N SER B 237 -27.68 27.83 16.77
CA SER B 237 -29.03 27.83 16.17
C SER B 237 -29.32 26.58 15.36
N ARG B 238 -28.31 26.05 14.68
CA ARG B 238 -28.41 24.77 13.94
C ARG B 238 -28.71 23.65 14.93
N PHE B 239 -27.88 23.58 15.96
CA PHE B 239 -28.23 22.88 17.19
C PHE B 239 -29.37 23.68 17.79
N LEU B 240 -30.20 23.05 18.62
CA LEU B 240 -31.29 23.76 19.30
C LEU B 240 -32.44 24.13 18.36
N ALA B 241 -32.45 23.54 17.16
CA ALA B 241 -33.51 23.78 16.17
C ALA B 241 -33.52 22.62 15.18
N MET B 242 -33.42 21.43 15.75
CA MET B 242 -33.12 20.20 15.01
C MET B 242 -33.19 19.05 15.98
N SER B 261 -32.42 19.25 27.17
CA SER B 261 -32.75 20.55 27.73
C SER B 261 -32.94 21.63 26.64
N ASP B 262 -33.92 22.51 26.87
CA ASP B 262 -34.32 23.55 25.90
C ASP B 262 -34.07 24.93 26.48
N SER B 263 -32.88 25.09 27.05
CA SER B 263 -32.47 26.29 27.78
C SER B 263 -31.20 25.93 28.51
N GLN B 264 -30.17 26.77 28.37
CA GLN B 264 -28.88 26.56 29.06
C GLN B 264 -28.15 25.26 28.69
N ALA B 265 -28.71 24.49 27.76
CA ALA B 265 -28.02 23.41 27.08
C ALA B 265 -27.25 23.97 25.89
N VAL B 266 -27.59 25.20 25.53
CA VAL B 266 -26.71 26.02 24.66
C VAL B 266 -25.29 26.06 25.21
N VAL B 267 -25.16 25.99 26.53
CA VAL B 267 -23.86 25.84 27.20
C VAL B 267 -23.07 24.70 26.59
N ALA B 268 -23.70 23.53 26.52
CA ALA B 268 -23.11 22.33 25.90
C ALA B 268 -22.76 22.58 24.44
N ALA B 269 -23.74 23.08 23.68
CA ALA B 269 -23.58 23.40 22.25
C ALA B 269 -22.45 24.39 22.00
N ARG B 270 -22.43 25.48 22.76
CA ARG B 270 -21.37 26.49 22.67
C ARG B 270 -19.98 25.93 22.98
N GLU B 271 -19.92 24.90 23.84
CA GLU B 271 -18.64 24.29 24.21
C GLU B 271 -18.16 23.18 23.27
N ILE B 272 -19.07 22.60 22.48
CA ILE B 272 -18.66 21.70 21.39
C ILE B 272 -18.04 22.55 20.27
N TRP B 273 -18.48 23.79 20.18
CA TRP B 273 -17.90 24.74 19.23
C TRP B 273 -16.46 25.09 19.62
N ARG B 274 -16.27 25.54 20.86
CA ARG B 274 -14.94 25.96 21.35
C ARG B 274 -13.89 24.84 21.35
N THR B 275 -14.36 23.60 21.47
CA THR B 275 -13.48 22.42 21.62
C THR B 275 -13.25 21.63 20.32
N ILE B 276 -14.30 21.49 19.51
CA ILE B 276 -14.24 20.67 18.29
C ILE B 276 -14.33 21.48 17.00
N ASN B 277 -15.45 22.18 16.81
CA ASN B 277 -15.75 22.82 15.52
C ASN B 277 -15.07 24.16 15.25
N ARG B 278 -14.68 24.88 16.31
CA ARG B 278 -13.93 26.14 16.14
C ARG B 278 -12.48 25.85 15.77
N PRO B 279 -11.77 25.04 16.59
CA PRO B 279 -10.64 24.34 16.00
C PRO B 279 -11.14 23.48 14.85
N ASN B 280 -10.24 23.05 13.98
CA ASN B 280 -10.61 22.31 12.75
C ASN B 280 -10.97 23.28 11.62
N LEU B 281 -11.62 24.37 11.97
CA LEU B 281 -11.83 25.47 11.06
C LEU B 281 -10.51 26.21 10.88
N VAL B 282 -9.91 26.57 12.00
CA VAL B 282 -8.67 27.38 12.02
C VAL B 282 -7.49 26.65 11.38
N GLU B 283 -7.30 25.39 11.77
CA GLU B 283 -6.10 24.63 11.38
C GLU B 283 -6.24 23.89 10.06
N ASN B 284 -7.43 23.33 9.83
CA ASN B 284 -7.65 22.39 8.72
C ASN B 284 -8.44 22.95 7.54
N ILE B 285 -9.48 23.74 7.82
CA ILE B 285 -10.40 24.22 6.77
C ILE B 285 -9.98 25.57 6.19
N LEU B 286 -9.85 26.56 7.07
CA LEU B 286 -9.50 27.92 6.64
C LEU B 286 -8.31 27.97 5.68
N PRO B 287 -7.19 27.31 6.03
CA PRO B 287 -6.03 27.26 5.14
C PRO B 287 -6.29 26.78 3.71
N THR B 288 -7.41 26.11 3.47
CA THR B 288 -7.78 25.67 2.12
C THR B 288 -8.53 26.73 1.31
N ARG B 289 -8.95 27.81 1.97
CA ARG B 289 -9.71 28.90 1.35
C ARG B 289 -9.08 29.45 0.06
N PRO B 290 -7.76 29.77 0.09
CA PRO B 290 -7.14 30.36 -1.10
C PRO B 290 -7.15 29.45 -2.34
N ARG B 291 -7.08 28.15 -2.09
CA ARG B 291 -7.06 27.15 -3.17
C ARG B 291 -8.45 26.89 -3.78
N ALA B 292 -9.48 27.51 -3.22
CA ALA B 292 -10.84 27.42 -3.77
C ALA B 292 -10.98 28.19 -5.09
N THR B 293 -11.84 27.70 -5.96
CA THR B 293 -12.10 28.33 -7.26
C THR B 293 -13.06 29.51 -7.09
N LEU B 294 -13.99 29.38 -6.15
CA LEU B 294 -14.91 30.45 -5.83
C LEU B 294 -15.16 30.54 -4.32
N VAL B 295 -15.20 31.76 -3.82
CA VAL B 295 -15.49 32.03 -2.41
C VAL B 295 -16.83 32.78 -2.28
N LEU B 296 -17.58 32.45 -1.22
CA LEU B 296 -18.90 33.03 -0.95
C LEU B 296 -19.03 33.53 0.48
N ARG B 297 -18.53 34.72 0.74
CA ARG B 297 -18.66 35.32 2.08
C ARG B 297 -20.12 35.61 2.40
N LYS B 298 -20.62 34.97 3.44
CA LYS B 298 -21.97 35.22 3.93
C LYS B 298 -21.94 36.16 5.12
N ASP B 299 -22.82 37.15 5.07
CA ASP B 299 -22.95 38.15 6.13
C ASP B 299 -23.58 37.54 7.39
N ALA B 300 -23.62 38.33 8.45
CA ALA B 300 -24.17 37.92 9.75
C ALA B 300 -25.53 37.22 9.65
N ASP B 301 -26.42 37.76 8.84
CA ASP B 301 -27.76 37.22 8.66
C ASP B 301 -27.90 36.43 7.35
N HIS B 302 -26.90 35.60 7.09
CA HIS B 302 -26.87 34.60 6.00
C HIS B 302 -26.85 35.16 4.57
N SER B 303 -27.03 36.46 4.45
CA SER B 303 -26.94 37.15 3.16
C SER B 303 -25.51 37.08 2.62
N ILE B 304 -25.38 37.06 1.30
CA ILE B 304 -24.08 36.92 0.63
C ILE B 304 -23.64 38.22 -0.01
N ASN B 305 -22.75 38.95 0.65
CA ASN B 305 -22.26 40.23 0.11
C ASN B 305 -21.12 40.09 -0.89
N ARG B 306 -20.03 39.46 -0.47
CA ARG B 306 -18.77 39.44 -1.24
C ARG B 306 -18.52 38.12 -1.97
N LEU B 307 -17.83 38.23 -3.11
CA LEU B 307 -17.47 37.08 -3.97
C LEU B 307 -16.08 37.22 -4.57
N ARG B 308 -15.10 36.53 -3.98
CA ARG B 308 -13.75 36.42 -4.57
C ARG B 308 -13.70 35.19 -5.47
N LEU B 309 -13.38 35.41 -6.75
CA LEU B 309 -13.35 34.35 -7.76
C LEU B 309 -11.96 34.18 -8.33
N ARG B 310 -11.51 32.93 -8.44
CA ARG B 310 -10.22 32.62 -9.08
C ARG B 310 -10.33 32.58 -10.59
N LYS B 311 -9.77 33.59 -11.25
CA LYS B 311 -9.74 33.65 -12.73
C LYS B 311 -8.53 32.90 -13.27
N LEU B 312 -7.43 32.96 -12.53
CA LEU B 312 -6.17 32.29 -12.91
C LEU B 312 -6.06 30.88 -12.36
N PRO C 9 3.65 -6.32 10.67
CA PRO C 9 3.75 -7.73 11.07
C PRO C 9 5.19 -8.22 11.23
N TYR C 10 6.08 -7.69 10.39
CA TYR C 10 7.52 -7.87 10.58
C TYR C 10 8.08 -6.75 11.43
N VAL C 11 9.13 -7.08 12.17
CA VAL C 11 9.98 -6.09 12.80
C VAL C 11 11.04 -5.70 11.79
N GLU C 12 11.15 -4.40 11.51
CA GLU C 12 12.21 -3.90 10.61
C GLU C 12 13.44 -3.38 11.36
N PHE C 13 14.58 -3.49 10.70
CA PHE C 13 15.87 -3.01 11.21
C PHE C 13 16.74 -2.57 10.03
N ASP C 14 17.64 -1.63 10.31
CA ASP C 14 18.77 -1.40 9.43
C ASP C 14 20.04 -1.76 10.20
N ARG C 15 21.17 -1.67 9.51
CA ARG C 15 22.48 -1.96 10.07
C ARG C 15 22.76 -1.17 11.34
N ARG C 16 22.48 0.13 11.27
CA ARG C 16 22.61 1.05 12.40
C ARG C 16 21.78 0.60 13.61
N GLN C 17 20.49 0.40 13.40
CA GLN C 17 19.53 0.04 14.45
C GLN C 17 19.87 -1.26 15.15
N TRP C 18 20.47 -2.19 14.40
CA TRP C 18 20.84 -3.50 14.95
C TRP C 18 21.89 -3.33 16.05
N ARG C 19 23.17 -3.44 15.72
CA ARG C 19 24.25 -3.26 16.71
C ARG C 19 24.04 -4.10 17.99
N ALA C 20 23.17 -3.62 18.88
CA ALA C 20 22.89 -4.30 20.16
C ALA C 20 22.03 -5.54 19.94
N GLY C 36 36.84 -18.87 20.38
CA GLY C 36 37.24 -17.52 19.96
C GLY C 36 37.78 -17.49 18.55
N LEU C 37 38.82 -18.29 18.33
CA LEU C 37 39.46 -18.40 17.00
C LEU C 37 38.54 -19.15 16.02
N ARG C 38 37.47 -18.50 15.61
CA ARG C 38 36.52 -19.06 14.66
C ARG C 38 36.31 -18.10 13.49
N GLY C 39 37.42 -17.63 12.94
CA GLY C 39 37.44 -16.88 11.68
C GLY C 39 37.73 -17.81 10.52
N LEU C 40 37.08 -18.96 10.52
CA LEU C 40 37.27 -19.98 9.49
C LEU C 40 36.49 -19.66 8.20
N GLY C 41 35.54 -18.73 8.32
CA GLY C 41 34.79 -18.25 7.15
C GLY C 41 35.61 -17.30 6.28
N GLU C 42 36.29 -17.88 5.28
CA GLU C 42 37.20 -17.15 4.40
C GLU C 42 36.51 -16.73 3.09
N GLN C 43 36.67 -15.46 2.74
CA GLN C 43 35.91 -14.81 1.66
C GLN C 43 34.49 -14.72 2.22
N ILE C 44 34.29 -13.76 3.12
CA ILE C 44 33.04 -13.70 3.92
C ILE C 44 32.80 -12.45 4.78
N ASP C 45 33.76 -11.52 4.82
CA ASP C 45 33.65 -10.26 5.58
C ASP C 45 33.43 -10.54 7.08
N LEU C 46 34.53 -10.73 7.78
CA LEU C 46 34.54 -11.08 9.21
C LEU C 46 33.57 -10.25 10.05
N LEU C 47 33.48 -8.96 9.72
CA LEU C 47 32.57 -8.02 10.39
C LEU C 47 31.12 -8.46 10.22
N GLU C 48 30.77 -8.71 8.97
CA GLU C 48 29.43 -9.17 8.59
C GLU C 48 29.01 -10.41 9.39
N VAL C 49 29.97 -11.27 9.69
CA VAL C 49 29.71 -12.45 10.51
C VAL C 49 29.57 -12.04 11.98
N GLU C 50 30.59 -11.37 12.48
CA GLU C 50 30.67 -10.99 13.90
C GLU C 50 29.48 -10.12 14.34
N GLU C 51 29.18 -9.10 13.54
CA GLU C 51 28.11 -8.15 13.87
C GLU C 51 26.70 -8.62 13.47
N VAL C 52 26.59 -9.44 12.44
CA VAL C 52 25.28 -9.85 11.90
C VAL C 52 24.94 -11.35 12.07
N TYR C 53 25.65 -12.20 11.31
CA TYR C 53 25.28 -13.62 11.20
C TYR C 53 25.36 -14.39 12.51
N LEU C 54 26.29 -13.99 13.36
CA LEU C 54 26.51 -14.65 14.64
C LEU C 54 25.33 -14.43 15.61
N PRO C 55 24.80 -13.20 15.69
CA PRO C 55 23.52 -12.94 16.36
C PRO C 55 22.31 -13.64 15.71
N LEU C 56 22.31 -13.72 14.38
CA LEU C 56 21.26 -14.46 13.66
C LEU C 56 21.24 -15.94 14.03
N ALA C 57 22.43 -16.50 14.18
CA ALA C 57 22.58 -17.87 14.65
C ALA C 57 22.00 -17.98 16.06
N ARG C 58 22.34 -17.00 16.89
CA ARG C 58 21.83 -16.87 18.26
C ARG C 58 20.30 -16.83 18.30
N LEU C 59 19.73 -16.01 17.41
CA LEU C 59 18.27 -15.88 17.31
C LEU C 59 17.65 -17.23 17.01
N ILE C 60 18.18 -17.88 15.98
CA ILE C 60 17.72 -19.21 15.57
C ILE C 60 17.96 -20.27 16.64
N HIS C 61 19.15 -20.27 17.23
CA HIS C 61 19.47 -21.21 18.31
C HIS C 61 18.34 -21.25 19.33
N LEU C 62 17.94 -20.07 19.78
CA LEU C 62 16.85 -19.91 20.75
C LEU C 62 15.53 -20.48 20.25
N GLN C 63 15.25 -20.25 18.97
CA GLN C 63 14.02 -20.75 18.35
C GLN C 63 14.06 -22.26 18.20
N VAL C 64 15.21 -22.78 17.78
CA VAL C 64 15.41 -24.23 17.61
C VAL C 64 15.33 -24.94 18.95
N ALA C 65 15.96 -24.35 19.95
CA ALA C 65 15.99 -24.90 21.30
C ALA C 65 14.60 -24.92 21.93
N ALA C 66 13.75 -24.00 21.50
CA ALA C 66 12.39 -23.91 22.03
C ALA C 66 11.58 -25.12 21.60
N ARG C 67 11.54 -25.33 20.29
CA ARG C 67 10.87 -26.48 19.69
C ARG C 67 11.46 -27.80 20.18
N GLN C 68 12.74 -27.77 20.50
CA GLN C 68 13.43 -28.93 21.08
C GLN C 68 12.85 -29.27 22.46
N ARG C 69 12.81 -28.28 23.34
CA ARG C 69 12.38 -28.46 24.75
C ARG C 69 10.86 -28.50 24.92
N LEU C 70 10.16 -27.83 24.01
CA LEU C 70 8.70 -27.92 23.93
C LEU C 70 8.38 -29.34 23.50
N PHE C 71 8.38 -29.55 22.19
CA PHE C 71 7.83 -30.75 21.58
C PHE C 71 8.25 -31.99 22.36
N ALA C 72 9.54 -32.26 22.37
CA ALA C 72 10.05 -33.50 22.95
C ALA C 72 9.77 -33.56 24.44
N ALA C 73 10.39 -32.66 25.20
CA ALA C 73 10.36 -32.78 26.65
C ALA C 73 9.00 -32.50 27.27
N THR C 74 7.95 -32.48 26.44
CA THR C 74 6.64 -32.16 26.94
C THR C 74 5.50 -32.90 26.22
N ALA C 75 5.52 -32.88 24.89
CA ALA C 75 4.57 -33.68 24.12
C ALA C 75 4.67 -35.11 24.59
N GLU C 76 5.94 -35.51 24.86
CA GLU C 76 6.20 -36.87 25.29
C GLU C 76 6.09 -37.08 26.83
N PHE C 77 6.90 -36.16 27.57
CA PHE C 77 6.77 -36.12 29.06
C PHE C 77 5.40 -36.57 29.49
N PRO C 85 8.53 -42.31 20.71
CA PRO C 85 9.35 -41.14 20.37
C PRO C 85 10.11 -40.55 21.64
N ASP C 86 11.48 -40.33 21.63
CA ASP C 86 12.31 -39.94 22.63
C ASP C 86 13.57 -39.45 21.85
N ARG C 87 13.30 -38.56 20.90
CA ARG C 87 14.28 -38.03 19.95
C ARG C 87 13.53 -37.13 18.98
N PRO C 88 13.62 -35.80 19.17
CA PRO C 88 12.76 -34.96 18.36
C PRO C 88 13.21 -34.94 16.92
N VAL C 89 12.24 -34.77 16.04
CA VAL C 89 12.51 -34.64 14.64
C VAL C 89 13.39 -33.42 14.39
N PRO C 90 14.16 -33.46 13.29
CA PRO C 90 15.02 -32.38 12.85
C PRO C 90 14.26 -31.08 12.61
N PHE C 91 14.91 -29.98 12.94
CA PHE C 91 14.39 -28.63 12.71
C PHE C 91 14.90 -28.19 11.35
N ILE C 92 13.97 -27.97 10.42
CA ILE C 92 14.36 -27.59 9.07
C ILE C 92 14.35 -26.07 8.89
N ILE C 93 15.29 -25.60 8.07
CA ILE C 93 15.35 -24.18 7.68
C ILE C 93 15.38 -24.06 6.17
N GLY C 94 14.33 -23.44 5.63
CA GLY C 94 14.28 -23.10 4.21
C GLY C 94 15.15 -21.88 3.97
N VAL C 95 15.79 -21.83 2.80
CA VAL C 95 16.63 -20.70 2.43
C VAL C 95 16.41 -20.33 0.96
N ALA C 96 15.58 -19.30 0.75
CA ALA C 96 15.19 -18.89 -0.61
C ALA C 96 15.94 -17.66 -1.09
N GLY C 97 15.84 -17.42 -2.39
CA GLY C 97 16.50 -16.30 -3.03
C GLY C 97 16.85 -16.60 -4.47
N SER C 98 17.37 -15.58 -5.17
CA SER C 98 17.70 -15.70 -6.58
C SER C 98 19.01 -16.46 -6.78
N VAL C 99 19.29 -16.78 -8.04
CA VAL C 99 20.61 -17.31 -8.42
C VAL C 99 21.64 -16.19 -8.21
N ALA C 100 22.82 -16.57 -7.75
CA ALA C 100 23.92 -15.62 -7.51
C ALA C 100 23.64 -14.55 -6.44
N VAL C 101 22.61 -14.78 -5.63
CA VAL C 101 22.30 -13.87 -4.52
C VAL C 101 23.11 -14.23 -3.27
N GLY C 102 23.87 -15.32 -3.35
CA GLY C 102 24.73 -15.73 -2.25
C GLY C 102 23.99 -16.33 -1.07
N LYS C 103 23.03 -17.21 -1.37
CA LYS C 103 22.28 -17.97 -0.35
C LYS C 103 23.06 -19.22 0.07
N SER C 104 23.68 -19.87 -0.91
CA SER C 104 24.55 -21.04 -0.71
C SER C 104 25.62 -20.74 0.31
N THR C 105 26.39 -19.68 0.04
CA THR C 105 27.43 -19.19 0.95
C THR C 105 26.85 -18.85 2.32
N THR C 106 25.72 -18.17 2.34
CA THR C 106 25.02 -17.82 3.58
C THR C 106 24.73 -19.04 4.44
N ALA C 107 24.19 -20.06 3.79
CA ALA C 107 23.82 -21.32 4.44
C ALA C 107 25.02 -21.99 5.13
N ARG C 108 26.17 -21.99 4.44
CA ARG C 108 27.40 -22.62 4.99
C ARG C 108 27.89 -21.92 6.25
N VAL C 109 27.61 -20.62 6.36
CA VAL C 109 28.05 -19.83 7.51
C VAL C 109 27.21 -20.22 8.73
N LEU C 110 25.90 -20.17 8.56
CA LEU C 110 24.96 -20.54 9.61
C LEU C 110 25.23 -21.94 10.12
N GLN C 111 25.31 -22.87 9.17
CA GLN C 111 25.59 -24.28 9.47
C GLN C 111 26.73 -24.38 10.47
N ALA C 112 27.86 -23.77 10.12
CA ALA C 112 29.05 -23.79 10.95
C ALA C 112 28.81 -23.15 12.32
N LEU C 113 28.14 -22.00 12.32
CA LEU C 113 27.87 -21.25 13.56
C LEU C 113 26.92 -22.00 14.50
N LEU C 114 25.87 -22.55 13.91
CA LEU C 114 24.88 -23.35 14.65
C LEU C 114 25.53 -24.59 15.23
N ALA C 115 26.22 -25.34 14.36
CA ALA C 115 26.94 -26.55 14.76
C ALA C 115 27.91 -26.31 15.93
N ARG C 116 28.21 -25.04 16.20
CA ARG C 116 29.06 -24.65 17.32
C ARG C 116 28.28 -24.60 18.64
N TRP C 117 27.11 -25.24 18.66
CA TRP C 117 26.20 -25.18 19.81
C TRP C 117 26.12 -26.53 20.54
N ASP C 118 26.65 -26.52 21.76
CA ASP C 118 26.78 -27.71 22.62
C ASP C 118 25.51 -28.60 22.82
N HIS C 119 24.32 -28.10 22.49
CA HIS C 119 23.07 -28.89 22.60
C HIS C 119 22.41 -29.29 21.30
N HIS C 120 23.14 -29.20 20.21
CA HIS C 120 22.56 -29.46 18.90
C HIS C 120 23.62 -29.26 17.79
N PRO C 121 24.57 -30.21 17.68
CA PRO C 121 25.69 -29.94 16.77
C PRO C 121 25.67 -30.64 15.42
N ARG C 122 24.69 -31.50 15.17
CA ARG C 122 24.54 -32.15 13.86
C ARG C 122 23.61 -31.34 12.96
N VAL C 123 24.19 -30.42 12.21
CA VAL C 123 23.48 -29.52 11.31
C VAL C 123 23.84 -29.83 9.86
N ASP C 124 22.88 -30.35 9.10
CA ASP C 124 23.12 -30.70 7.69
C ASP C 124 22.70 -29.59 6.74
N LEU C 125 23.34 -29.55 5.58
CA LEU C 125 23.04 -28.59 4.51
C LEU C 125 22.79 -29.31 3.20
N VAL C 126 21.58 -29.15 2.69
CA VAL C 126 21.16 -29.80 1.44
C VAL C 126 20.73 -28.76 0.41
N THR C 127 21.38 -28.82 -0.75
CA THR C 127 20.99 -27.99 -1.88
C THR C 127 19.78 -28.62 -2.56
N THR C 128 18.76 -27.80 -2.80
CA THR C 128 17.53 -28.23 -3.47
C THR C 128 17.79 -28.56 -4.95
N ASP C 129 18.93 -28.10 -5.47
CA ASP C 129 19.34 -28.30 -6.86
C ASP C 129 19.50 -29.78 -7.26
N GLY C 130 19.87 -30.62 -6.30
CA GLY C 130 19.99 -32.07 -6.53
C GLY C 130 18.73 -32.73 -7.08
N PHE C 131 17.59 -32.13 -6.79
CA PHE C 131 16.29 -32.61 -7.23
C PHE C 131 15.86 -32.06 -8.58
N LEU C 132 16.72 -31.30 -9.23
CA LEU C 132 16.52 -30.98 -10.63
C LEU C 132 16.48 -32.31 -11.39
N TYR C 133 15.77 -32.35 -12.51
CA TYR C 133 15.83 -33.51 -13.40
C TYR C 133 17.21 -33.48 -14.09
N PRO C 134 17.80 -34.65 -14.34
CA PRO C 134 19.02 -34.67 -15.14
C PRO C 134 18.82 -34.15 -16.56
N ASN C 135 19.93 -33.89 -17.23
CA ASN C 135 19.94 -33.12 -18.49
C ASN C 135 19.29 -33.83 -19.68
N ALA C 136 19.47 -35.13 -19.76
CA ALA C 136 18.86 -35.92 -20.83
C ALA C 136 17.35 -35.99 -20.59
N GLU C 137 16.98 -36.41 -19.39
CA GLU C 137 15.58 -36.41 -18.95
C GLU C 137 14.93 -35.06 -19.23
N LEU C 138 15.62 -34.00 -18.81
CA LEU C 138 15.15 -32.62 -18.99
C LEU C 138 15.17 -32.16 -20.44
N GLN C 139 15.93 -32.86 -21.28
CA GLN C 139 15.86 -32.67 -22.73
C GLN C 139 14.59 -33.32 -23.32
N ARG C 140 14.25 -34.50 -22.83
CA ARG C 140 13.06 -35.22 -23.29
C ARG C 140 11.76 -34.51 -22.90
N ARG C 141 11.81 -33.80 -21.78
CA ARG C 141 10.68 -32.97 -21.33
C ARG C 141 10.58 -31.69 -22.17
N ASN C 142 11.70 -31.34 -22.82
CA ASN C 142 11.83 -30.19 -23.71
C ASN C 142 11.93 -28.86 -22.94
N LEU C 143 12.36 -28.93 -21.69
CA LEU C 143 12.46 -27.75 -20.82
C LEU C 143 13.90 -27.44 -20.44
N MET C 144 14.83 -27.63 -21.37
CA MET C 144 16.25 -27.38 -21.11
C MET C 144 16.46 -25.92 -20.71
N HIS C 145 15.80 -25.03 -21.44
CA HIS C 145 15.86 -23.58 -21.20
C HIS C 145 15.21 -23.11 -19.90
N ARG C 146 14.22 -23.85 -19.39
CA ARG C 146 13.54 -23.45 -18.15
C ARG C 146 14.05 -24.26 -16.96
N LYS C 147 15.36 -24.17 -16.77
CA LYS C 147 16.05 -24.86 -15.69
C LYS C 147 16.09 -23.95 -14.48
N GLY C 148 15.57 -24.44 -13.36
CA GLY C 148 15.43 -23.64 -12.13
C GLY C 148 14.00 -23.25 -11.84
N PHE C 149 13.15 -23.40 -12.85
CA PHE C 149 11.70 -23.18 -12.72
C PHE C 149 11.09 -24.22 -11.79
N PRO C 150 9.85 -23.98 -11.32
CA PRO C 150 9.16 -24.98 -10.49
C PRO C 150 9.06 -26.37 -11.14
N GLU C 151 8.79 -26.37 -12.44
CA GLU C 151 8.51 -27.60 -13.20
C GLU C 151 9.75 -28.46 -13.54
N SER C 152 10.93 -27.86 -13.53
CA SER C 152 12.17 -28.56 -13.91
C SER C 152 12.74 -29.38 -12.77
N TYR C 153 12.13 -29.29 -11.60
CA TYR C 153 12.51 -30.12 -10.47
C TYR C 153 11.67 -31.36 -10.47
N ASN C 154 12.07 -32.35 -9.70
CA ASN C 154 11.23 -33.49 -9.40
C ASN C 154 10.62 -33.28 -8.02
N ARG C 155 9.49 -32.58 -8.01
CA ARG C 155 8.83 -32.22 -6.74
C ARG C 155 8.48 -33.46 -5.92
N ARG C 156 7.86 -34.42 -6.60
CA ARG C 156 7.48 -35.69 -5.97
C ARG C 156 8.65 -36.27 -5.17
N ALA C 157 9.83 -36.24 -5.75
CA ALA C 157 11.04 -36.70 -5.09
C ALA C 157 11.42 -35.82 -3.90
N LEU C 158 11.51 -34.51 -4.14
CA LEU C 158 11.84 -33.51 -3.12
C LEU C 158 10.88 -33.55 -1.91
N MET C 159 9.60 -33.77 -2.18
CA MET C 159 8.57 -33.83 -1.13
C MET C 159 8.73 -35.06 -0.26
N ARG C 160 9.03 -36.18 -0.91
CA ARG C 160 9.31 -37.46 -0.26
C ARG C 160 10.55 -37.37 0.62
N PHE C 161 11.55 -36.63 0.13
CA PHE C 161 12.80 -36.41 0.87
C PHE C 161 12.55 -35.65 2.17
N VAL C 162 11.87 -34.52 2.06
CA VAL C 162 11.66 -33.63 3.20
C VAL C 162 10.68 -34.23 4.23
N THR C 163 9.61 -34.84 3.73
CA THR C 163 8.65 -35.55 4.59
C THR C 163 9.35 -36.68 5.35
N SER C 164 10.27 -37.34 4.66
CA SER C 164 11.08 -38.42 5.25
C SER C 164 11.90 -37.96 6.45
N VAL C 165 12.37 -36.72 6.42
CA VAL C 165 13.22 -36.18 7.49
C VAL C 165 12.37 -35.70 8.66
N LYS C 166 11.35 -34.91 8.33
CA LYS C 166 10.39 -34.39 9.33
C LYS C 166 9.61 -35.49 10.03
N SER C 167 9.51 -36.65 9.37
CA SER C 167 9.07 -37.88 10.00
C SER C 167 10.32 -38.57 10.54
N GLY C 168 10.61 -38.36 11.82
CA GLY C 168 11.93 -38.64 12.42
C GLY C 168 12.61 -39.92 12.00
N SER C 169 12.99 -39.97 10.73
CA SER C 169 13.50 -41.21 10.10
C SER C 169 14.95 -41.46 10.47
N ASP C 170 15.37 -42.72 10.38
CA ASP C 170 16.77 -43.09 10.65
C ASP C 170 17.69 -42.35 9.72
N TYR C 171 17.35 -42.41 8.44
CA TYR C 171 18.09 -41.67 7.42
C TYR C 171 17.25 -41.34 6.18
N ALA C 172 17.64 -40.25 5.54
CA ALA C 172 17.08 -39.81 4.27
C ALA C 172 18.24 -39.34 3.40
N CYS C 173 18.05 -39.42 2.07
CA CYS C 173 19.14 -39.21 1.11
C CYS C 173 18.70 -38.47 -0.12
N ALA C 174 19.56 -37.58 -0.60
CA ALA C 174 19.28 -36.77 -1.80
C ALA C 174 20.43 -36.80 -2.81
N PRO C 175 20.12 -36.53 -4.09
CA PRO C 175 21.18 -36.47 -5.10
C PRO C 175 22.08 -35.25 -4.95
N VAL C 176 23.09 -35.17 -5.81
CA VAL C 176 24.03 -34.06 -5.82
C VAL C 176 24.16 -33.44 -7.20
N TYR C 177 23.95 -32.13 -7.26
CA TYR C 177 24.07 -31.36 -8.50
C TYR C 177 25.48 -30.78 -8.61
N SER C 178 25.92 -30.57 -9.85
CA SER C 178 27.19 -29.88 -10.14
C SER C 178 26.96 -28.67 -11.06
N HIS C 179 27.07 -27.48 -10.48
CA HIS C 179 27.05 -26.24 -11.28
C HIS C 179 28.25 -26.17 -12.19
N LEU C 180 29.38 -26.69 -11.69
CA LEU C 180 30.60 -26.79 -12.47
C LEU C 180 30.34 -27.55 -13.78
N HIS C 181 29.76 -28.74 -13.66
CA HIS C 181 29.54 -29.64 -14.82
C HIS C 181 28.27 -29.35 -15.63
N TYR C 182 27.41 -28.47 -15.11
CA TYR C 182 26.17 -28.08 -15.79
C TYR C 182 25.10 -29.18 -15.72
N ASP C 183 25.25 -30.11 -14.79
CA ASP C 183 24.32 -31.25 -14.64
C ASP C 183 24.49 -31.96 -13.28
N ILE C 184 23.68 -33.00 -13.08
CA ILE C 184 23.73 -33.77 -11.82
C ILE C 184 24.82 -34.83 -11.87
N ILE C 185 25.54 -34.95 -10.76
CA ILE C 185 26.62 -35.94 -10.62
C ILE C 185 26.03 -37.35 -10.46
N PRO C 186 26.12 -38.18 -11.52
CA PRO C 186 25.42 -39.47 -11.47
C PRO C 186 25.84 -40.36 -10.30
N GLY C 187 24.85 -40.97 -9.65
CA GLY C 187 25.08 -41.83 -8.49
C GLY C 187 25.28 -41.05 -7.21
N ALA C 188 26.27 -40.15 -7.24
CA ALA C 188 26.58 -39.29 -6.10
C ALA C 188 25.32 -38.88 -5.36
N GLU C 189 25.28 -39.21 -4.08
CA GLU C 189 24.13 -38.94 -3.23
C GLU C 189 24.57 -38.45 -1.85
N GLN C 190 23.97 -37.36 -1.40
CA GLN C 190 24.23 -36.84 -0.04
C GLN C 190 23.24 -37.44 0.94
N VAL C 191 23.76 -38.34 1.77
CA VAL C 191 22.97 -38.92 2.85
C VAL C 191 22.78 -37.90 3.97
N VAL C 192 21.60 -37.94 4.60
CA VAL C 192 21.26 -37.08 5.73
C VAL C 192 20.91 -37.97 6.92
N ARG C 193 21.72 -37.89 7.98
CA ARG C 193 21.65 -38.81 9.12
C ARG C 193 20.88 -38.25 10.32
N HIS C 194 19.56 -38.16 10.19
CA HIS C 194 18.67 -37.65 11.26
C HIS C 194 19.35 -36.55 12.08
N PRO C 195 19.57 -35.39 11.45
CA PRO C 195 20.35 -34.33 12.08
C PRO C 195 19.54 -33.57 13.12
N ASP C 196 20.26 -32.82 13.96
CA ASP C 196 19.63 -31.94 14.96
C ASP C 196 18.95 -30.75 14.26
N ILE C 197 19.55 -30.32 13.16
CA ILE C 197 19.03 -29.23 12.34
C ILE C 197 19.30 -29.54 10.89
N LEU C 198 18.36 -29.17 10.02
CA LEU C 198 18.56 -29.27 8.58
C LEU C 198 18.38 -27.92 7.93
N ILE C 199 19.34 -27.58 7.07
CA ILE C 199 19.27 -26.38 6.27
C ILE C 199 19.04 -26.79 4.84
N LEU C 200 17.99 -26.23 4.25
CA LEU C 200 17.54 -26.60 2.92
C LEU C 200 17.48 -25.35 2.03
N GLU C 201 18.42 -25.24 1.10
CA GLU C 201 18.57 -24.05 0.25
C GLU C 201 18.16 -24.33 -1.20
N GLY C 202 17.24 -23.50 -1.71
CA GLY C 202 16.70 -23.66 -3.05
C GLY C 202 15.93 -22.47 -3.62
N LEU C 203 16.01 -22.32 -4.93
CA LEU C 203 15.33 -21.23 -5.65
C LEU C 203 13.84 -21.26 -5.39
N ASN C 204 13.25 -22.40 -5.74
CA ASN C 204 11.85 -22.67 -5.47
C ASN C 204 11.73 -23.64 -4.30
N VAL C 205 12.09 -23.12 -3.13
CA VAL C 205 11.97 -23.83 -1.86
C VAL C 205 10.82 -23.25 -1.01
N LEU C 206 10.51 -21.98 -1.25
CA LEU C 206 9.28 -21.34 -0.71
C LEU C 206 8.15 -21.30 -1.75
N GLN C 207 8.39 -21.91 -2.91
CA GLN C 207 7.38 -22.07 -3.93
C GLN C 207 6.11 -22.64 -3.30
N THR C 208 4.96 -22.19 -3.79
CA THR C 208 3.67 -22.68 -3.29
C THR C 208 2.75 -23.15 -4.40
N GLY C 209 1.90 -24.10 -4.04
CA GLY C 209 0.90 -24.66 -4.95
C GLY C 209 -0.24 -25.28 -4.16
N PRO C 210 -0.96 -26.24 -4.75
CA PRO C 210 -2.00 -26.91 -3.99
C PRO C 210 -1.42 -28.03 -3.14
N THR C 211 -2.27 -28.59 -2.28
CA THR C 211 -1.91 -29.75 -1.43
C THR C 211 -0.78 -29.34 -0.45
N LEU C 212 -0.17 -30.32 0.21
CA LEU C 212 0.99 -30.10 1.06
C LEU C 212 2.22 -29.71 0.22
N MET C 213 2.81 -28.57 0.57
CA MET C 213 4.09 -28.12 -0.03
C MET C 213 5.21 -28.38 0.95
N VAL C 214 6.42 -28.45 0.41
CA VAL C 214 7.64 -28.58 1.23
C VAL C 214 7.70 -27.52 2.33
N SER C 215 7.30 -26.30 1.98
CA SER C 215 7.26 -25.16 2.91
C SER C 215 6.47 -25.43 4.19
N ASP C 216 5.47 -26.32 4.09
CA ASP C 216 4.65 -26.71 5.23
C ASP C 216 5.40 -27.55 6.27
N LEU C 217 6.52 -28.13 5.83
CA LEU C 217 7.38 -28.95 6.71
C LEU C 217 8.55 -28.19 7.35
N PHE C 218 8.69 -26.90 7.03
CA PHE C 218 9.70 -26.04 7.67
C PHE C 218 9.35 -25.71 9.13
N ASP C 219 10.36 -25.21 9.83
CA ASP C 219 10.19 -24.61 11.15
C ASP C 219 10.75 -23.17 11.20
N PHE C 220 11.41 -22.77 10.13
CA PHE C 220 12.01 -21.43 9.99
C PHE C 220 12.35 -21.24 8.53
N SER C 221 12.01 -20.08 7.99
CA SER C 221 12.37 -19.78 6.60
C SER C 221 13.27 -18.55 6.53
N LEU C 222 14.15 -18.56 5.55
CA LEU C 222 15.16 -17.53 5.36
C LEU C 222 15.11 -17.04 3.92
N TYR C 223 15.30 -15.73 3.73
CA TYR C 223 15.22 -15.14 2.39
C TYR C 223 16.30 -14.08 2.20
N VAL C 224 17.24 -14.39 1.30
CA VAL C 224 18.27 -13.44 0.90
C VAL C 224 17.78 -12.65 -0.31
N ASP C 225 17.77 -11.34 -0.12
CA ASP C 225 17.14 -10.40 -1.04
C ASP C 225 18.14 -9.31 -1.45
N ALA C 226 17.93 -8.77 -2.65
CA ALA C 226 18.69 -7.62 -3.15
C ALA C 226 18.04 -7.05 -4.41
N ARG C 227 18.49 -5.86 -4.81
CA ARG C 227 17.99 -5.21 -6.03
C ARG C 227 18.13 -6.16 -7.21
N ILE C 228 17.08 -6.23 -8.02
CA ILE C 228 17.05 -7.16 -9.17
C ILE C 228 18.18 -6.92 -10.17
N GLU C 229 18.59 -5.66 -10.28
CA GLU C 229 19.62 -5.23 -11.23
C GLU C 229 21.04 -5.39 -10.67
N ASP C 230 21.18 -5.27 -9.35
CA ASP C 230 22.46 -5.54 -8.67
C ASP C 230 22.84 -7.03 -8.80
N ILE C 231 21.84 -7.91 -8.68
CA ILE C 231 22.05 -9.36 -8.78
C ILE C 231 22.58 -9.76 -10.15
N GLU C 232 21.98 -9.19 -11.18
CA GLU C 232 22.44 -9.38 -12.56
C GLU C 232 23.96 -9.32 -12.62
N GLN C 233 24.52 -8.26 -12.05
CA GLN C 233 25.98 -8.03 -12.08
C GLN C 233 26.75 -9.13 -11.32
N TRP C 234 26.25 -9.48 -10.14
CA TRP C 234 26.82 -10.59 -9.35
C TRP C 234 26.78 -11.91 -10.09
N TYR C 235 25.75 -12.09 -10.90
CA TYR C 235 25.58 -13.32 -11.67
C TYR C 235 26.60 -13.44 -12.78
N VAL C 236 26.70 -12.41 -13.61
CA VAL C 236 27.72 -12.38 -14.70
C VAL C 236 29.12 -12.61 -14.13
N SER C 237 29.42 -11.93 -13.03
CA SER C 237 30.68 -12.10 -12.31
C SER C 237 30.99 -13.57 -12.07
N ARG C 238 29.98 -14.29 -11.61
CA ARG C 238 30.09 -15.72 -11.32
C ARG C 238 30.44 -16.49 -12.56
N PHE C 239 29.59 -16.33 -13.56
CA PHE C 239 29.73 -16.99 -14.85
C PHE C 239 31.19 -16.89 -15.29
N LEU C 240 31.70 -15.67 -15.28
CA LEU C 240 33.09 -15.40 -15.66
C LEU C 240 34.07 -16.19 -14.80
N ALA C 241 33.91 -16.08 -13.48
CA ALA C 241 34.78 -16.78 -12.52
C ALA C 241 34.75 -18.29 -12.72
N MET C 242 33.58 -18.81 -13.08
CA MET C 242 33.41 -20.23 -13.41
C MET C 242 34.11 -20.55 -14.73
N ARG C 243 33.82 -19.76 -15.76
CA ARG C 243 34.43 -19.89 -17.08
C ARG C 243 35.94 -20.11 -17.04
N THR C 244 36.62 -19.25 -16.29
CA THR C 244 38.08 -19.30 -16.14
C THR C 244 38.53 -20.54 -15.35
N THR C 245 37.84 -20.79 -14.23
CA THR C 245 38.11 -21.96 -13.37
C THR C 245 37.37 -23.23 -13.80
N ALA C 246 36.84 -23.22 -15.02
CA ALA C 246 36.23 -24.41 -15.65
C ALA C 246 37.06 -24.81 -16.86
N ALA C 247 38.38 -24.77 -16.68
CA ALA C 247 39.30 -25.01 -17.77
C ALA C 247 39.43 -26.54 -17.89
N ALA C 269 26.31 -14.86 -20.74
CA ALA C 269 25.74 -14.67 -19.41
C ALA C 269 24.49 -13.78 -19.31
N ARG C 270 24.57 -12.53 -19.78
CA ARG C 270 23.42 -11.60 -19.60
C ARG C 270 22.25 -11.88 -20.55
N GLU C 271 22.32 -12.95 -21.33
CA GLU C 271 21.15 -13.44 -22.07
C GLU C 271 20.45 -14.56 -21.30
N ILE C 272 21.20 -15.58 -20.88
CA ILE C 272 20.62 -16.61 -19.98
C ILE C 272 20.05 -15.98 -18.71
N TRP C 273 20.56 -14.80 -18.34
CA TRP C 273 19.95 -14.02 -17.27
C TRP C 273 18.59 -13.47 -17.71
N ARG C 274 18.58 -12.54 -18.66
CA ARG C 274 17.32 -11.91 -19.11
C ARG C 274 16.31 -12.91 -19.68
N THR C 275 16.81 -14.01 -20.22
CA THR C 275 15.98 -15.05 -20.83
C THR C 275 15.41 -16.02 -19.78
N ILE C 276 16.26 -16.46 -18.85
CA ILE C 276 15.92 -17.55 -17.91
C ILE C 276 15.85 -17.08 -16.45
N ASN C 277 17.00 -16.69 -15.90
CA ASN C 277 17.11 -16.41 -14.46
C ASN C 277 16.45 -15.11 -14.01
N ARG C 278 16.18 -14.25 -14.97
CA ARG C 278 15.39 -13.06 -14.75
C ARG C 278 13.91 -13.42 -14.51
N PRO C 279 13.18 -13.84 -15.57
CA PRO C 279 11.75 -14.11 -15.43
C PRO C 279 11.42 -15.03 -14.26
N ASN C 280 12.21 -16.09 -14.11
CA ASN C 280 12.03 -17.03 -13.01
C ASN C 280 11.94 -16.33 -11.67
N LEU C 281 12.89 -15.43 -11.43
CA LEU C 281 12.93 -14.66 -10.19
C LEU C 281 11.69 -13.79 -10.04
N VAL C 282 11.25 -13.22 -11.17
CA VAL C 282 10.07 -12.36 -11.21
C VAL C 282 8.82 -13.18 -10.90
N GLU C 283 8.59 -14.20 -11.73
CA GLU C 283 7.33 -14.96 -11.73
C GLU C 283 7.17 -15.91 -10.54
N ASN C 284 8.29 -16.49 -10.08
CA ASN C 284 8.26 -17.68 -9.22
C ASN C 284 8.95 -17.60 -7.85
N ILE C 285 9.84 -16.64 -7.66
CA ILE C 285 10.59 -16.55 -6.42
C ILE C 285 10.23 -15.33 -5.58
N LEU C 286 10.28 -14.15 -6.20
CA LEU C 286 9.99 -12.88 -5.50
C LEU C 286 8.62 -12.85 -4.79
N PRO C 287 7.58 -13.42 -5.41
CA PRO C 287 6.27 -13.49 -4.74
C PRO C 287 6.27 -14.30 -3.44
N THR C 288 7.33 -15.08 -3.24
CA THR C 288 7.47 -15.97 -2.07
C THR C 288 8.12 -15.27 -0.87
N ARG C 289 8.67 -14.10 -1.11
CA ARG C 289 9.39 -13.34 -0.08
C ARG C 289 8.55 -13.06 1.18
N PRO C 290 7.26 -12.68 1.01
CA PRO C 290 6.41 -12.40 2.19
C PRO C 290 6.22 -13.62 3.07
N ARG C 291 6.18 -14.78 2.44
CA ARG C 291 5.95 -16.03 3.14
C ARG C 291 7.09 -16.39 4.09
N ALA C 292 8.27 -15.85 3.82
CA ALA C 292 9.45 -16.07 4.66
C ALA C 292 9.29 -15.54 6.09
N THR C 293 9.95 -16.21 7.03
CA THR C 293 9.99 -15.77 8.42
C THR C 293 10.91 -14.56 8.52
N LEU C 294 12.04 -14.67 7.83
CA LEU C 294 13.13 -13.70 7.92
C LEU C 294 13.60 -13.30 6.54
N VAL C 295 13.81 -11.99 6.35
CA VAL C 295 14.27 -11.46 5.06
C VAL C 295 15.55 -10.63 5.20
N LEU C 296 16.52 -10.90 4.32
CA LEU C 296 17.80 -10.19 4.28
C LEU C 296 17.96 -9.44 2.97
N ARG C 297 17.80 -8.11 3.01
CA ARG C 297 18.15 -7.26 1.87
C ARG C 297 19.65 -7.03 1.89
N LYS C 298 20.26 -7.07 0.70
CA LYS C 298 21.71 -6.92 0.55
C LYS C 298 22.11 -5.71 -0.29
N ASP C 299 23.13 -5.01 0.19
CA ASP C 299 23.80 -3.93 -0.56
C ASP C 299 24.38 -4.45 -1.87
N ALA C 300 24.83 -3.52 -2.70
CA ALA C 300 25.54 -3.84 -3.94
C ALA C 300 26.92 -4.46 -3.70
N ASP C 301 27.43 -4.31 -2.48
CA ASP C 301 28.73 -4.88 -2.09
C ASP C 301 28.62 -6.30 -1.51
N HIS C 302 27.41 -6.71 -1.16
CA HIS C 302 27.08 -7.97 -0.45
C HIS C 302 27.01 -7.81 1.06
N SER C 303 26.93 -6.56 1.53
CA SER C 303 26.70 -6.30 2.94
C SER C 303 25.20 -6.16 3.16
N ILE C 304 24.74 -6.52 4.35
CA ILE C 304 23.33 -6.49 4.67
C ILE C 304 22.97 -5.13 5.19
N ASN C 305 21.99 -4.52 4.54
CA ASN C 305 21.54 -3.19 4.87
C ASN C 305 20.23 -3.17 5.68
N ARG C 306 19.34 -4.12 5.38
CA ARG C 306 18.06 -4.25 6.06
C ARG C 306 17.80 -5.68 6.51
N LEU C 307 17.30 -5.80 7.74
CA LEU C 307 16.79 -7.06 8.30
C LEU C 307 15.31 -6.91 8.61
N ARG C 308 14.53 -7.94 8.29
CA ARG C 308 13.09 -7.96 8.54
C ARG C 308 12.65 -9.26 9.20
N LEU C 309 12.53 -9.23 10.52
CA LEU C 309 12.17 -10.40 11.31
C LEU C 309 10.66 -10.43 11.59
N ARG C 310 10.05 -11.60 11.46
CA ARG C 310 8.62 -11.76 11.75
C ARG C 310 8.34 -11.68 13.25
N LYS C 311 7.25 -11.00 13.57
CA LYS C 311 6.76 -10.87 14.95
C LYS C 311 5.60 -11.84 15.16
N PRO D 7 6.48 -45.22 8.61
CA PRO D 7 7.19 -43.96 8.73
C PRO D 7 6.24 -42.76 8.65
N SER D 8 5.43 -42.61 9.71
CA SER D 8 4.38 -41.60 9.72
C SER D 8 4.92 -40.25 10.16
N PRO D 9 4.57 -39.19 9.41
CA PRO D 9 4.87 -37.81 9.82
C PRO D 9 3.91 -37.31 10.88
N TYR D 10 2.68 -37.80 10.84
CA TYR D 10 1.75 -37.56 11.92
C TYR D 10 1.73 -38.77 12.86
N VAL D 11 1.47 -38.51 14.15
CA VAL D 11 1.21 -39.55 15.14
C VAL D 11 -0.28 -39.89 15.07
N GLU D 12 -0.60 -41.16 14.89
CA GLU D 12 -1.99 -41.63 14.88
C GLU D 12 -2.46 -42.15 16.24
N PHE D 13 -3.76 -41.98 16.47
CA PHE D 13 -4.44 -42.50 17.66
C PHE D 13 -5.88 -42.87 17.31
N ASP D 14 -6.43 -43.81 18.08
CA ASP D 14 -7.89 -44.00 18.15
C ASP D 14 -8.34 -43.68 19.59
N ARG D 15 -9.65 -43.74 19.85
CA ARG D 15 -10.18 -43.44 21.21
C ARG D 15 -9.54 -44.34 22.26
N ARG D 16 -9.47 -45.62 21.93
CA ARG D 16 -8.89 -46.64 22.80
C ARG D 16 -7.46 -46.28 23.20
N GLN D 17 -6.62 -46.06 22.19
CA GLN D 17 -5.19 -45.77 22.38
C GLN D 17 -4.94 -44.50 23.20
N TRP D 18 -5.85 -43.52 23.07
CA TRP D 18 -5.73 -42.26 23.78
C TRP D 18 -5.86 -42.48 25.29
N GLN D 43 -25.59 -29.69 25.49
CA GLN D 43 -25.37 -30.17 24.13
C GLN D 43 -23.90 -30.21 23.71
N ILE D 44 -23.19 -31.24 24.16
CA ILE D 44 -21.73 -31.35 23.94
C ILE D 44 -21.02 -32.67 24.36
N ASP D 45 -21.75 -33.58 24.99
CA ASP D 45 -21.23 -34.88 25.42
C ASP D 45 -20.08 -34.71 26.43
N LEU D 46 -20.45 -34.55 27.68
CA LEU D 46 -19.50 -34.27 28.78
C LEU D 46 -18.25 -35.18 28.77
N LEU D 47 -18.46 -36.44 28.40
CA LEU D 47 -17.38 -37.44 28.26
C LEU D 47 -16.38 -36.99 27.19
N GLU D 48 -16.92 -36.66 26.02
CA GLU D 48 -16.12 -36.17 24.88
C GLU D 48 -15.22 -34.99 25.25
N VAL D 49 -15.71 -34.14 26.15
CA VAL D 49 -14.92 -33.02 26.66
C VAL D 49 -13.88 -33.52 27.65
N GLU D 50 -14.34 -34.22 28.69
CA GLU D 50 -13.48 -34.68 29.78
C GLU D 50 -12.35 -35.59 29.28
N GLU D 51 -12.69 -36.54 28.43
CA GLU D 51 -11.72 -37.52 27.90
C GLU D 51 -10.87 -37.00 26.74
N VAL D 52 -11.43 -36.13 25.92
CA VAL D 52 -10.78 -35.69 24.67
C VAL D 52 -10.36 -34.22 24.63
N TYR D 53 -11.34 -33.32 24.58
CA TYR D 53 -11.08 -31.90 24.32
C TYR D 53 -10.25 -31.22 25.40
N LEU D 54 -10.41 -31.67 26.63
CA LEU D 54 -9.71 -31.08 27.78
C LEU D 54 -8.19 -31.37 27.74
N PRO D 55 -7.80 -32.62 27.39
CA PRO D 55 -6.41 -32.91 27.02
C PRO D 55 -5.88 -32.19 25.78
N LEU D 56 -6.74 -32.00 24.78
CA LEU D 56 -6.39 -31.23 23.58
C LEU D 56 -6.08 -29.78 23.93
N ALA D 57 -6.84 -29.23 24.85
CA ALA D 57 -6.59 -27.90 25.38
C ALA D 57 -5.24 -27.89 26.07
N ARG D 58 -5.01 -28.91 26.87
CA ARG D 58 -3.73 -29.13 27.57
C ARG D 58 -2.57 -29.18 26.59
N LEU D 59 -2.75 -29.92 25.50
CA LEU D 59 -1.72 -30.05 24.46
C LEU D 59 -1.39 -28.68 23.90
N ILE D 60 -2.43 -27.97 23.49
CA ILE D 60 -2.28 -26.63 22.92
C ILE D 60 -1.69 -25.66 23.94
N HIS D 61 -2.22 -25.69 25.16
CA HIS D 61 -1.71 -24.82 26.23
C HIS D 61 -0.20 -24.84 26.27
N LEU D 62 0.34 -26.05 26.28
CA LEU D 62 1.79 -26.26 26.29
C LEU D 62 2.48 -25.67 25.07
N GLN D 63 1.84 -25.80 23.92
CA GLN D 63 2.38 -25.27 22.67
C GLN D 63 2.32 -23.75 22.63
N VAL D 64 1.22 -23.21 23.12
CA VAL D 64 1.02 -21.75 23.18
C VAL D 64 2.00 -21.13 24.16
N ALA D 65 2.14 -21.78 25.31
CA ALA D 65 3.02 -21.32 26.40
C ALA D 65 4.49 -21.35 25.98
N ALA D 66 4.82 -22.24 25.05
CA ALA D 66 6.17 -22.35 24.55
C ALA D 66 6.55 -21.12 23.74
N ARG D 67 5.72 -20.82 22.73
CA ARG D 67 5.91 -19.64 21.89
C ARG D 67 5.84 -18.36 22.72
N GLN D 68 5.07 -18.41 23.79
CA GLN D 68 4.98 -17.29 24.73
C GLN D 68 6.34 -17.03 25.39
N ARG D 69 6.89 -18.07 26.00
CA ARG D 69 8.15 -17.97 26.78
C ARG D 69 9.40 -17.96 25.90
N LEU D 70 9.32 -18.57 24.74
CA LEU D 70 10.38 -18.50 23.74
C LEU D 70 10.43 -17.08 23.24
N PHE D 71 9.59 -16.79 22.26
CA PHE D 71 9.62 -15.52 21.53
C PHE D 71 9.87 -14.34 22.48
N ALA D 72 8.89 -14.04 23.32
CA ALA D 72 8.94 -12.84 24.15
C ALA D 72 10.12 -12.85 25.09
N ALA D 73 10.13 -13.81 26.01
CA ALA D 73 11.10 -13.80 27.09
C ALA D 73 12.54 -14.09 26.65
N THR D 74 12.79 -14.09 25.34
CA THR D 74 14.13 -14.45 24.85
C THR D 74 14.56 -13.63 23.63
N ALA D 75 13.68 -13.53 22.64
CA ALA D 75 13.94 -12.68 21.47
C ALA D 75 14.18 -11.25 21.93
N GLU D 76 13.31 -10.84 22.90
CA GLU D 76 13.41 -9.49 23.40
C GLU D 76 14.50 -9.51 24.46
N PHE D 77 14.06 -9.98 25.70
CA PHE D 77 15.09 -10.26 26.78
C PHE D 77 16.52 -10.04 26.35
N LEU D 78 16.91 -10.89 25.44
CA LEU D 78 18.31 -11.12 25.16
C LEU D 78 18.62 -10.26 24.06
N GLY D 79 17.97 -10.74 23.04
CA GLY D 79 18.34 -10.28 21.80
C GLY D 79 18.67 -8.81 21.98
N GLU D 80 17.72 -8.04 22.50
CA GLU D 80 17.74 -6.61 22.27
C GLU D 80 16.51 -5.85 22.81
N PRO D 81 16.64 -5.14 23.96
CA PRO D 81 15.50 -4.26 24.29
C PRO D 81 15.09 -3.28 23.18
N ASP D 86 7.38 -5.88 27.48
CA ASP D 86 7.15 -6.32 26.06
C ASP D 86 5.65 -6.83 25.94
N ARG D 87 5.29 -7.67 24.99
CA ARG D 87 3.94 -8.17 24.88
C ARG D 87 3.86 -9.01 23.61
N PRO D 88 3.89 -10.34 23.76
CA PRO D 88 3.98 -11.12 22.54
C PRO D 88 2.70 -11.07 21.74
N VAL D 89 2.87 -11.18 20.45
CA VAL D 89 1.73 -11.22 19.55
C VAL D 89 0.84 -12.40 19.85
N PRO D 90 -0.45 -12.28 19.51
CA PRO D 90 -1.43 -13.32 19.71
C PRO D 90 -1.09 -14.60 18.97
N PHE D 91 -1.40 -15.72 19.61
CA PHE D 91 -1.23 -17.05 19.04
C PHE D 91 -2.50 -17.42 18.32
N ILE D 92 -2.43 -17.57 17.01
CA ILE D 92 -3.62 -17.88 16.22
C ILE D 92 -3.80 -19.38 16.08
N ILE D 93 -5.07 -19.80 16.01
CA ILE D 93 -5.42 -21.18 15.66
C ILE D 93 -6.45 -21.22 14.54
N GLY D 94 -6.03 -21.78 13.41
CA GLY D 94 -6.94 -22.05 12.30
C GLY D 94 -7.79 -23.25 12.62
N VAL D 95 -9.03 -23.23 12.15
CA VAL D 95 -9.97 -24.34 12.38
C VAL D 95 -10.77 -24.59 11.11
N ALA D 96 -10.34 -25.58 10.34
CA ALA D 96 -10.95 -25.91 9.05
C ALA D 96 -11.88 -27.12 9.11
N GLY D 97 -12.68 -27.27 8.06
CA GLY D 97 -13.64 -28.36 7.96
C GLY D 97 -14.82 -27.97 7.10
N SER D 98 -15.72 -28.93 6.89
CA SER D 98 -16.90 -28.71 6.06
C SER D 98 -17.98 -27.95 6.80
N VAL D 99 -19.01 -27.56 6.06
CA VAL D 99 -20.21 -26.99 6.65
C VAL D 99 -20.90 -28.12 7.43
N ALA D 100 -21.49 -27.77 8.57
CA ALA D 100 -22.20 -28.73 9.43
C ALA D 100 -21.32 -29.86 10.00
N VAL D 101 -20.01 -29.70 9.96
CA VAL D 101 -19.09 -30.69 10.54
C VAL D 101 -18.87 -30.42 12.03
N GLY D 102 -19.44 -29.31 12.51
CA GLY D 102 -19.37 -28.95 13.93
C GLY D 102 -17.99 -28.43 14.36
N LYS D 103 -17.44 -27.53 13.55
CA LYS D 103 -16.17 -26.83 13.86
C LYS D 103 -16.44 -25.59 14.72
N SER D 104 -17.53 -24.90 14.42
CA SER D 104 -18.00 -23.76 15.20
C SER D 104 -18.15 -24.13 16.67
N THR D 105 -18.96 -25.16 16.92
CA THR D 105 -19.18 -25.69 18.26
C THR D 105 -17.87 -26.12 18.92
N THR D 106 -17.03 -26.81 18.16
CA THR D 106 -15.69 -27.24 18.63
C THR D 106 -14.88 -26.05 19.16
N ALA D 107 -14.83 -25.01 18.34
CA ALA D 107 -14.07 -23.80 18.66
C ALA D 107 -14.52 -23.17 19.96
N ARG D 108 -15.82 -23.14 20.20
CA ARG D 108 -16.37 -22.55 21.44
C ARG D 108 -15.95 -23.33 22.69
N VAL D 109 -15.72 -24.63 22.52
CA VAL D 109 -15.32 -25.48 23.66
C VAL D 109 -13.88 -25.18 24.05
N LEU D 110 -13.00 -25.22 23.06
CA LEU D 110 -11.58 -24.91 23.25
C LEU D 110 -11.38 -23.54 23.87
N GLN D 111 -12.02 -22.54 23.26
CA GLN D 111 -11.98 -21.17 23.73
C GLN D 111 -12.19 -21.10 25.24
N ALA D 112 -13.29 -21.71 25.68
CA ALA D 112 -13.67 -21.75 27.10
C ALA D 112 -12.62 -22.46 27.95
N LEU D 113 -12.14 -23.60 27.45
CA LEU D 113 -11.16 -24.45 28.16
C LEU D 113 -9.79 -23.77 28.30
N LEU D 114 -9.34 -23.20 27.18
CA LEU D 114 -8.09 -22.44 27.11
C LEU D 114 -8.17 -21.23 28.04
N ALA D 115 -9.22 -20.44 27.86
CA ALA D 115 -9.46 -19.27 28.70
C ALA D 115 -9.43 -19.59 30.21
N ARG D 116 -9.56 -20.86 30.58
CA ARG D 116 -9.44 -21.26 32.00
C ARG D 116 -7.98 -21.42 32.45
N TRP D 117 -7.06 -20.79 31.73
CA TRP D 117 -5.63 -20.92 32.00
C TRP D 117 -5.02 -19.62 32.54
N ASP D 118 -4.62 -19.67 33.81
CA ASP D 118 -4.07 -18.51 34.57
C ASP D 118 -3.08 -17.62 33.84
N HIS D 119 -2.40 -18.16 32.84
CA HIS D 119 -1.32 -17.42 32.19
C HIS D 119 -1.60 -17.01 30.75
N HIS D 120 -2.89 -16.99 30.40
CA HIS D 120 -3.35 -16.63 29.06
C HIS D 120 -4.87 -16.73 28.94
N PRO D 121 -5.61 -15.77 29.51
CA PRO D 121 -7.05 -15.99 29.55
C PRO D 121 -7.88 -15.21 28.53
N ARG D 122 -7.26 -14.34 27.75
CA ARG D 122 -7.98 -13.58 26.71
C ARG D 122 -7.92 -14.31 25.36
N VAL D 123 -8.90 -15.21 25.16
CA VAL D 123 -8.97 -16.07 23.97
C VAL D 123 -10.18 -15.67 23.12
N ASP D 124 -9.93 -15.10 21.95
CA ASP D 124 -11.01 -14.65 21.07
C ASP D 124 -11.37 -15.70 20.03
N LEU D 125 -12.62 -15.67 19.57
CA LEU D 125 -13.14 -16.57 18.52
C LEU D 125 -13.76 -15.78 17.39
N VAL D 126 -13.19 -15.90 16.20
CA VAL D 126 -13.66 -15.16 15.03
C VAL D 126 -14.05 -16.10 13.90
N THR D 127 -15.30 -15.99 13.48
CA THR D 127 -15.78 -16.74 12.33
C THR D 127 -15.27 -16.07 11.07
N THR D 128 -14.70 -16.88 10.18
CA THR D 128 -14.20 -16.40 8.89
C THR D 128 -15.33 -15.99 7.94
N ASP D 129 -16.55 -16.41 8.29
CA ASP D 129 -17.78 -16.13 7.51
C ASP D 129 -18.10 -14.63 7.39
N GLY D 130 -17.72 -13.85 8.40
CA GLY D 130 -17.88 -12.38 8.37
C GLY D 130 -17.26 -11.70 7.16
N PHE D 131 -16.24 -12.33 6.59
CA PHE D 131 -15.52 -11.83 5.42
C PHE D 131 -16.08 -12.31 4.09
N LEU D 132 -17.22 -12.99 4.14
CA LEU D 132 -18.02 -13.23 2.93
C LEU D 132 -18.46 -11.87 2.40
N TYR D 133 -18.61 -11.75 1.09
CA TYR D 133 -19.16 -10.54 0.53
C TYR D 133 -20.65 -10.52 0.91
N PRO D 134 -21.21 -9.33 1.17
CA PRO D 134 -22.66 -9.25 1.35
C PRO D 134 -23.46 -9.68 0.12
N ASN D 135 -24.76 -9.89 0.33
CA ASN D 135 -25.62 -10.58 -0.64
C ASN D 135 -25.87 -9.82 -1.94
N ALA D 136 -26.01 -8.50 -1.83
CA ALA D 136 -26.21 -7.63 -3.00
C ALA D 136 -24.92 -7.57 -3.81
N GLU D 137 -23.83 -7.24 -3.13
CA GLU D 137 -22.49 -7.27 -3.70
C GLU D 137 -22.24 -8.60 -4.40
N LEU D 138 -22.54 -9.68 -3.69
CA LEU D 138 -22.34 -11.06 -4.18
C LEU D 138 -23.32 -11.41 -5.32
N GLN D 139 -24.42 -10.68 -5.39
CA GLN D 139 -25.33 -10.77 -6.53
C GLN D 139 -24.72 -10.10 -7.78
N ARG D 140 -24.10 -8.94 -7.58
CA ARG D 140 -23.47 -8.19 -8.68
C ARG D 140 -22.26 -8.92 -9.28
N ARG D 141 -21.58 -9.69 -8.43
CA ARG D 141 -20.48 -10.56 -8.87
C ARG D 141 -21.01 -11.77 -9.63
N ASN D 142 -22.29 -12.08 -9.38
CA ASN D 142 -23.00 -13.18 -10.04
C ASN D 142 -22.62 -14.55 -9.46
N LEU D 143 -22.14 -14.56 -8.23
CA LEU D 143 -21.71 -15.81 -7.56
C LEU D 143 -22.59 -16.17 -6.33
N MET D 144 -23.88 -15.90 -6.43
CA MET D 144 -24.81 -16.16 -5.31
C MET D 144 -24.75 -17.65 -4.93
N HIS D 145 -24.77 -18.49 -5.96
CA HIS D 145 -24.75 -19.96 -5.80
C HIS D 145 -23.43 -20.52 -5.26
N ARG D 146 -22.36 -19.77 -5.46
CA ARG D 146 -21.00 -20.20 -5.11
C ARG D 146 -20.55 -19.54 -3.81
N LYS D 147 -21.42 -19.64 -2.80
CA LYS D 147 -21.21 -19.02 -1.48
C LYS D 147 -20.47 -20.00 -0.58
N GLY D 148 -19.32 -19.56 -0.05
CA GLY D 148 -18.45 -20.45 0.75
C GLY D 148 -17.21 -20.88 0.00
N PHE D 149 -17.22 -20.65 -1.32
CA PHE D 149 -16.06 -20.88 -2.16
C PHE D 149 -14.92 -19.91 -1.81
N PRO D 150 -13.69 -20.16 -2.29
CA PRO D 150 -12.59 -19.23 -2.07
C PRO D 150 -12.88 -17.81 -2.56
N GLU D 151 -13.52 -17.73 -3.71
CA GLU D 151 -13.77 -16.45 -4.40
C GLU D 151 -14.90 -15.57 -3.82
N SER D 152 -15.81 -16.19 -3.07
CA SER D 152 -16.96 -15.46 -2.49
C SER D 152 -16.62 -14.70 -1.23
N TYR D 153 -15.39 -14.85 -0.76
CA TYR D 153 -14.90 -14.09 0.39
C TYR D 153 -14.23 -12.83 -0.12
N ASN D 154 -13.98 -11.92 0.80
CA ASN D 154 -13.09 -10.80 0.54
C ASN D 154 -11.75 -11.13 1.19
N ARG D 155 -10.90 -11.80 0.42
CA ARG D 155 -9.59 -12.25 0.91
C ARG D 155 -8.73 -11.08 1.35
N ARG D 156 -8.65 -10.07 0.47
CA ARG D 156 -7.91 -8.85 0.75
C ARG D 156 -8.25 -8.33 2.16
N ALA D 157 -9.52 -8.33 2.49
CA ALA D 157 -9.99 -7.90 3.81
C ALA D 157 -9.56 -8.85 4.91
N LEU D 158 -9.82 -10.14 4.70
CA LEU D 158 -9.44 -11.20 5.66
C LEU D 158 -7.93 -11.23 5.94
N MET D 159 -7.13 -10.99 4.89
CA MET D 159 -5.67 -10.96 5.02
C MET D 159 -5.17 -9.77 5.82
N ARG D 160 -5.76 -8.60 5.59
CA ARG D 160 -5.40 -7.41 6.38
C ARG D 160 -5.82 -7.61 7.84
N PHE D 161 -6.94 -8.30 8.05
CA PHE D 161 -7.43 -8.55 9.40
C PHE D 161 -6.45 -9.40 10.21
N VAL D 162 -6.03 -10.51 9.62
CA VAL D 162 -5.15 -11.49 10.29
C VAL D 162 -3.70 -10.98 10.45
N THR D 163 -3.20 -10.30 9.41
CA THR D 163 -1.89 -9.65 9.47
C THR D 163 -1.87 -8.57 10.55
N SER D 164 -2.98 -7.85 10.66
CA SER D 164 -3.17 -6.82 11.69
C SER D 164 -3.03 -7.36 13.12
N VAL D 165 -3.47 -8.59 13.34
CA VAL D 165 -3.43 -9.18 14.68
C VAL D 165 -2.04 -9.74 14.99
N LYS D 166 -1.52 -10.52 14.05
CA LYS D 166 -0.16 -11.11 14.14
C LYS D 166 0.93 -10.04 14.20
N SER D 167 0.60 -8.86 13.69
CA SER D 167 1.38 -7.64 13.94
C SER D 167 0.83 -6.98 15.20
N GLY D 168 1.44 -7.30 16.34
CA GLY D 168 0.86 -7.04 17.68
C GLY D 168 0.11 -5.73 17.87
N SER D 169 -0.99 -5.61 17.16
CA SER D 169 -1.71 -4.34 17.06
C SER D 169 -2.57 -4.13 18.29
N ASP D 170 -2.88 -2.87 18.56
CA ASP D 170 -3.68 -2.53 19.74
C ASP D 170 -5.08 -3.10 19.59
N TYR D 171 -5.65 -2.99 18.39
CA TYR D 171 -6.91 -3.68 18.08
C TYR D 171 -7.11 -3.94 16.58
N ALA D 172 -7.87 -5.00 16.31
CA ALA D 172 -8.28 -5.37 14.96
C ALA D 172 -9.73 -5.81 15.03
N CYS D 173 -10.43 -5.68 13.91
CA CYS D 173 -11.88 -5.76 13.95
C CYS D 173 -12.46 -6.33 12.66
N ALA D 174 -13.45 -7.22 12.81
CA ALA D 174 -14.06 -7.96 11.67
C ALA D 174 -15.58 -7.89 11.67
N PRO D 175 -16.21 -8.06 10.49
CA PRO D 175 -17.67 -8.07 10.43
C PRO D 175 -18.30 -9.31 11.07
N VAL D 176 -19.63 -9.34 11.07
CA VAL D 176 -20.39 -10.45 11.64
C VAL D 176 -21.43 -10.98 10.66
N TYR D 177 -21.34 -12.26 10.38
CA TYR D 177 -22.28 -12.95 9.50
C TYR D 177 -23.44 -13.52 10.30
N SER D 178 -24.60 -13.63 9.65
CA SER D 178 -25.77 -14.30 10.23
C SER D 178 -26.27 -15.43 9.33
N HIS D 179 -26.02 -16.67 9.76
CA HIS D 179 -26.54 -17.86 9.08
C HIS D 179 -28.07 -17.88 9.20
N LEU D 180 -28.56 -17.39 10.34
CA LEU D 180 -30.00 -17.22 10.59
C LEU D 180 -30.65 -16.37 9.51
N HIS D 181 -30.08 -15.21 9.26
CA HIS D 181 -30.65 -14.26 8.29
C HIS D 181 -30.18 -14.45 6.84
N TYR D 182 -29.25 -15.39 6.60
CA TYR D 182 -28.81 -15.74 5.24
C TYR D 182 -27.90 -14.66 4.62
N ASP D 183 -27.36 -13.78 5.47
CA ASP D 183 -26.50 -12.65 5.04
C ASP D 183 -25.73 -12.03 6.19
N ILE D 184 -24.93 -11.01 5.87
CA ILE D 184 -24.10 -10.34 6.88
C ILE D 184 -24.90 -9.26 7.61
N ILE D 185 -24.73 -9.21 8.93
CA ILE D 185 -25.42 -8.24 9.80
C ILE D 185 -24.79 -6.85 9.59
N PRO D 186 -25.49 -5.95 8.87
CA PRO D 186 -24.87 -4.67 8.51
C PRO D 186 -24.38 -3.86 9.71
N GLY D 187 -23.20 -3.28 9.58
CA GLY D 187 -22.58 -2.50 10.64
C GLY D 187 -21.93 -3.36 11.71
N ALA D 188 -22.73 -4.25 12.29
CA ALA D 188 -22.26 -5.19 13.33
C ALA D 188 -20.84 -5.65 13.03
N GLU D 189 -19.96 -5.41 14.00
CA GLU D 189 -18.55 -5.74 13.88
C GLU D 189 -18.03 -6.33 15.19
N GLN D 190 -17.32 -7.45 15.09
CA GLN D 190 -16.66 -8.05 16.26
C GLN D 190 -15.24 -7.54 16.40
N VAL D 191 -15.04 -6.67 17.39
CA VAL D 191 -13.71 -6.15 17.71
C VAL D 191 -12.87 -7.25 18.37
N VAL D 192 -11.58 -7.24 18.08
CA VAL D 192 -10.63 -8.17 18.68
C VAL D 192 -9.53 -7.36 19.38
N ARG D 193 -9.47 -7.51 20.70
CA ARG D 193 -8.61 -6.66 21.56
C ARG D 193 -7.29 -7.32 21.94
N HIS D 194 -6.37 -7.39 20.98
CA HIS D 194 -5.01 -7.96 21.17
C HIS D 194 -5.02 -9.12 22.17
N PRO D 195 -5.67 -10.22 21.79
CA PRO D 195 -5.87 -11.32 22.72
C PRO D 195 -4.60 -12.14 22.95
N ASP D 196 -4.62 -12.93 24.01
CA ASP D 196 -3.55 -13.88 24.32
C ASP D 196 -3.54 -15.01 23.29
N ILE D 197 -4.72 -15.41 22.85
CA ILE D 197 -4.93 -16.45 21.83
C ILE D 197 -6.10 -16.07 20.93
N LEU D 198 -5.97 -16.36 19.65
CA LEU D 198 -7.05 -16.15 18.70
C LEU D 198 -7.41 -17.45 18.01
N ILE D 199 -8.70 -17.73 17.97
CA ILE D 199 -9.22 -18.89 17.27
C ILE D 199 -9.96 -18.38 16.04
N LEU D 200 -9.59 -18.93 14.89
CA LEU D 200 -10.09 -18.46 13.60
C LEU D 200 -10.67 -19.63 12.81
N GLU D 201 -11.99 -19.69 12.76
CA GLU D 201 -12.72 -20.82 12.15
C GLU D 201 -13.34 -20.44 10.81
N GLY D 202 -13.02 -21.23 9.79
CA GLY D 202 -13.50 -20.98 8.42
C GLY D 202 -13.33 -22.13 7.45
N LEU D 203 -14.26 -22.21 6.49
CA LEU D 203 -14.27 -23.27 5.46
C LEU D 203 -12.97 -23.26 4.70
N ASN D 204 -12.69 -22.10 4.09
CA ASN D 204 -11.44 -21.86 3.38
C ASN D 204 -10.56 -20.97 4.24
N VAL D 205 -10.09 -21.56 5.33
CA VAL D 205 -9.13 -20.93 6.24
C VAL D 205 -7.74 -21.56 6.09
N LEU D 206 -7.71 -22.81 5.64
CA LEU D 206 -6.45 -23.49 5.21
C LEU D 206 -6.27 -23.47 3.70
N GLN D 207 -7.19 -22.78 3.01
CA GLN D 207 -7.09 -22.55 1.58
C GLN D 207 -5.69 -22.03 1.25
N THR D 208 -5.17 -22.46 0.12
CA THR D 208 -3.85 -22.02 -0.34
C THR D 208 -3.85 -21.47 -1.75
N GLY D 209 -2.93 -20.55 -2.00
CA GLY D 209 -2.74 -19.92 -3.30
C GLY D 209 -1.34 -19.34 -3.41
N PRO D 210 -1.15 -18.35 -4.29
CA PRO D 210 0.16 -17.73 -4.36
C PRO D 210 0.35 -16.68 -3.28
N THR D 211 1.56 -16.17 -3.17
CA THR D 211 1.89 -15.07 -2.25
C THR D 211 1.64 -15.53 -0.80
N LEU D 212 1.68 -14.59 0.14
CA LEU D 212 1.36 -14.86 1.55
C LEU D 212 -0.12 -15.18 1.68
N MET D 213 -0.41 -16.33 2.29
CA MET D 213 -1.79 -16.72 2.58
C MET D 213 -2.00 -16.67 4.09
N VAL D 214 -3.26 -16.53 4.51
CA VAL D 214 -3.63 -16.42 5.94
C VAL D 214 -3.04 -17.54 6.78
N SER D 215 -2.97 -18.73 6.18
CA SER D 215 -2.38 -19.92 6.80
C SER D 215 -0.93 -19.73 7.25
N ASP D 216 -0.21 -18.85 6.58
CA ASP D 216 1.18 -18.51 6.92
C ASP D 216 1.30 -17.74 8.24
N LEU D 217 0.20 -17.13 8.67
CA LEU D 217 0.15 -16.37 9.93
C LEU D 217 -0.37 -17.16 11.12
N PHE D 218 -0.69 -18.44 10.91
CA PHE D 218 -1.06 -19.34 12.02
C PHE D 218 0.13 -19.77 12.86
N ASP D 219 -0.19 -20.30 14.03
CA ASP D 219 0.79 -20.98 14.90
C ASP D 219 0.34 -22.42 15.23
N PHE D 220 -0.89 -22.75 14.85
CA PHE D 220 -1.50 -24.07 15.07
C PHE D 220 -2.73 -24.17 14.20
N SER D 221 -2.88 -25.29 13.50
CA SER D 221 -4.07 -25.50 12.68
C SER D 221 -4.84 -26.72 13.18
N LEU D 222 -6.15 -26.65 13.01
CA LEU D 222 -7.06 -27.67 13.49
C LEU D 222 -7.93 -28.08 12.32
N TYR D 223 -8.32 -29.35 12.27
CA TYR D 223 -9.17 -29.85 11.18
C TYR D 223 -10.18 -30.88 11.68
N VAL D 224 -11.45 -30.51 11.64
CA VAL D 224 -12.52 -31.44 11.97
C VAL D 224 -12.94 -32.17 10.70
N ASP D 225 -12.89 -33.48 10.78
CA ASP D 225 -13.07 -34.36 9.62
C ASP D 225 -14.13 -35.41 9.93
N ALA D 226 -14.79 -35.86 8.86
CA ALA D 226 -15.74 -36.96 8.92
C ALA D 226 -16.10 -37.43 7.51
N ARG D 227 -16.73 -38.60 7.49
CA ARG D 227 -17.25 -39.22 6.28
C ARG D 227 -18.10 -38.22 5.47
N ILE D 228 -17.79 -38.09 4.17
CA ILE D 228 -18.46 -37.09 3.30
C ILE D 228 -19.98 -37.26 3.28
N GLU D 229 -20.41 -38.50 3.39
CA GLU D 229 -21.84 -38.87 3.32
C GLU D 229 -22.55 -38.76 4.68
N ASP D 230 -21.80 -38.95 5.76
CA ASP D 230 -22.30 -38.68 7.12
C ASP D 230 -22.63 -37.20 7.31
N ILE D 231 -21.74 -36.35 6.82
CA ILE D 231 -21.89 -34.89 6.95
C ILE D 231 -23.17 -34.42 6.29
N GLU D 232 -23.41 -34.93 5.07
CA GLU D 232 -24.66 -34.64 4.35
C GLU D 232 -25.84 -34.70 5.31
N GLN D 233 -25.93 -35.79 6.06
CA GLN D 233 -27.06 -36.01 6.97
C GLN D 233 -27.12 -34.97 8.10
N TRP D 234 -25.96 -34.70 8.69
CA TRP D 234 -25.81 -33.64 9.71
C TRP D 234 -26.22 -32.26 9.18
N TYR D 235 -25.96 -32.03 7.91
CA TYR D 235 -26.27 -30.76 7.27
C TYR D 235 -27.76 -30.57 7.09
N VAL D 236 -28.43 -31.56 6.50
CA VAL D 236 -29.90 -31.52 6.35
C VAL D 236 -30.57 -31.33 7.71
N SER D 237 -30.11 -32.07 8.70
CA SER D 237 -30.59 -31.94 10.08
C SER D 237 -30.61 -30.48 10.55
N ARG D 238 -29.51 -29.79 10.26
CA ARG D 238 -29.35 -28.37 10.61
C ARG D 238 -30.39 -27.52 9.94
N PHE D 239 -30.40 -27.63 8.61
CA PHE D 239 -31.32 -26.88 7.78
C PHE D 239 -32.72 -26.97 8.38
N LEU D 240 -33.15 -28.19 8.67
CA LEU D 240 -34.44 -28.43 9.29
C LEU D 240 -34.59 -27.69 10.61
N ALA D 241 -33.60 -27.88 11.48
CA ALA D 241 -33.61 -27.24 12.81
C ALA D 241 -33.67 -25.72 12.70
N MET D 242 -33.01 -25.17 11.69
CA MET D 242 -33.03 -23.74 11.41
C MET D 242 -34.41 -23.32 10.90
N ARG D 243 -34.88 -24.03 9.88
CA ARG D 243 -36.22 -23.82 9.30
C ARG D 243 -37.31 -23.60 10.35
N THR D 244 -37.38 -24.53 11.30
CA THR D 244 -38.38 -24.47 12.38
C THR D 244 -38.15 -23.28 13.33
N THR D 245 -36.89 -23.08 13.72
CA THR D 245 -36.50 -21.96 14.61
C THR D 245 -36.16 -20.68 13.87
N ALA D 246 -36.53 -20.61 12.60
CA ALA D 246 -36.42 -19.39 11.78
C ALA D 246 -37.81 -18.91 11.42
N ALA D 247 -38.71 -18.98 12.40
CA ALA D 247 -40.12 -18.71 12.16
C ALA D 247 -40.31 -17.18 12.02
N SER D 261 -41.35 -27.26 5.66
CA SER D 261 -42.24 -28.38 5.93
C SER D 261 -41.49 -29.70 5.95
N ASP D 262 -41.54 -30.39 7.10
CA ASP D 262 -40.87 -31.68 7.31
C ASP D 262 -39.99 -32.10 6.12
N SER D 263 -40.59 -32.73 5.10
CA SER D 263 -39.84 -33.23 3.96
C SER D 263 -39.39 -32.12 3.00
N GLN D 264 -40.32 -31.24 2.64
CA GLN D 264 -40.07 -30.15 1.67
C GLN D 264 -38.77 -29.42 1.96
N ALA D 265 -38.60 -29.00 3.21
CA ALA D 265 -37.35 -28.40 3.68
C ALA D 265 -36.16 -29.31 3.38
N VAL D 266 -36.31 -30.59 3.71
CA VAL D 266 -35.25 -31.60 3.56
C VAL D 266 -34.80 -31.91 2.13
N VAL D 267 -35.61 -31.54 1.14
CA VAL D 267 -35.26 -31.80 -0.28
C VAL D 267 -34.45 -30.66 -0.89
N ALA D 268 -34.81 -29.42 -0.53
CA ALA D 268 -34.09 -28.21 -1.01
C ALA D 268 -32.69 -28.14 -0.41
N ALA D 269 -32.54 -28.80 0.73
CA ALA D 269 -31.32 -28.89 1.54
C ALA D 269 -30.34 -29.80 0.82
N ARG D 270 -30.80 -30.98 0.45
CA ARG D 270 -29.96 -31.98 -0.20
C ARG D 270 -29.61 -31.63 -1.66
N GLU D 271 -30.12 -30.50 -2.14
CA GLU D 271 -29.73 -29.97 -3.46
C GLU D 271 -28.66 -28.90 -3.31
N ILE D 272 -28.89 -27.92 -2.44
CA ILE D 272 -27.83 -26.95 -2.09
C ILE D 272 -26.60 -27.67 -1.52
N TRP D 273 -26.78 -28.86 -0.98
CA TRP D 273 -25.64 -29.72 -0.61
C TRP D 273 -24.93 -30.25 -1.86
N ARG D 274 -25.59 -31.11 -2.62
CA ARG D 274 -24.97 -31.71 -3.81
C ARG D 274 -24.51 -30.67 -4.85
N THR D 275 -25.19 -29.54 -4.89
CA THR D 275 -24.92 -28.46 -5.84
C THR D 275 -23.79 -27.52 -5.38
N ILE D 276 -23.80 -27.16 -4.10
CA ILE D 276 -22.87 -26.14 -3.57
C ILE D 276 -21.89 -26.69 -2.53
N ASN D 277 -22.40 -27.12 -1.40
CA ASN D 277 -21.55 -27.50 -0.26
C ASN D 277 -20.83 -28.84 -0.42
N ARG D 278 -21.27 -29.67 -1.36
CA ARG D 278 -20.52 -30.87 -1.75
C ARG D 278 -19.27 -30.47 -2.51
N PRO D 279 -19.42 -30.01 -3.76
CA PRO D 279 -18.24 -29.75 -4.60
C PRO D 279 -17.18 -28.91 -3.89
N ASN D 280 -17.64 -27.87 -3.21
CA ASN D 280 -16.76 -26.99 -2.44
C ASN D 280 -15.85 -27.77 -1.51
N LEU D 281 -16.44 -28.68 -0.75
CA LEU D 281 -15.69 -29.54 0.16
C LEU D 281 -14.71 -30.42 -0.60
N VAL D 282 -15.14 -30.92 -1.74
CA VAL D 282 -14.30 -31.78 -2.59
C VAL D 282 -13.13 -30.97 -3.14
N GLU D 283 -13.45 -29.91 -3.88
CA GLU D 283 -12.47 -29.14 -4.65
C GLU D 283 -11.52 -28.27 -3.83
N ASN D 284 -12.02 -27.73 -2.72
CA ASN D 284 -11.37 -26.60 -2.04
C ASN D 284 -10.97 -26.79 -0.58
N ILE D 285 -11.60 -27.74 0.11
CA ILE D 285 -11.37 -27.91 1.55
C ILE D 285 -10.59 -29.18 1.87
N LEU D 286 -11.10 -30.32 1.41
CA LEU D 286 -10.47 -31.63 1.69
C LEU D 286 -8.98 -31.70 1.33
N PRO D 287 -8.57 -31.12 0.19
CA PRO D 287 -7.14 -31.09 -0.15
C PRO D 287 -6.25 -30.36 0.87
N THR D 288 -6.88 -29.59 1.75
CA THR D 288 -6.20 -28.77 2.75
C THR D 288 -5.93 -29.53 4.05
N ARG D 289 -6.56 -30.70 4.18
CA ARG D 289 -6.45 -31.52 5.40
C ARG D 289 -5.01 -31.89 5.78
N PRO D 290 -4.16 -32.26 4.80
CA PRO D 290 -2.77 -32.60 5.11
C PRO D 290 -1.98 -31.44 5.68
N ARG D 291 -2.31 -30.23 5.27
CA ARG D 291 -1.57 -29.04 5.72
C ARG D 291 -1.85 -28.74 7.20
N ALA D 292 -2.96 -29.24 7.72
CA ALA D 292 -3.31 -29.09 9.13
C ALA D 292 -2.30 -29.73 10.09
N THR D 293 -2.14 -29.11 11.25
CA THR D 293 -1.26 -29.63 12.30
C THR D 293 -1.94 -30.84 12.92
N LEU D 294 -3.24 -30.69 13.13
CA LEU D 294 -4.06 -31.65 13.88
C LEU D 294 -5.36 -31.96 13.13
N VAL D 295 -5.70 -33.25 13.07
CA VAL D 295 -6.91 -33.70 12.36
C VAL D 295 -7.82 -34.54 13.25
N LEU D 296 -9.10 -34.19 13.24
CA LEU D 296 -10.12 -34.88 14.04
C LEU D 296 -11.14 -35.56 13.13
N ARG D 297 -11.04 -36.88 12.98
CA ARG D 297 -12.08 -37.66 12.32
C ARG D 297 -13.21 -37.86 13.33
N LYS D 298 -14.44 -37.76 12.85
CA LYS D 298 -15.62 -37.90 13.70
C LYS D 298 -16.56 -39.02 13.24
N ASP D 299 -17.05 -39.79 14.23
CA ASP D 299 -18.07 -40.81 14.05
C ASP D 299 -19.35 -40.22 13.47
N ALA D 300 -20.26 -41.10 13.08
CA ALA D 300 -21.60 -40.72 12.63
C ALA D 300 -22.45 -40.09 13.76
N ASP D 301 -22.05 -40.33 14.99
CA ASP D 301 -22.74 -39.78 16.16
C ASP D 301 -22.22 -38.42 16.60
N HIS D 302 -21.06 -38.04 16.08
CA HIS D 302 -20.31 -36.81 16.47
C HIS D 302 -19.26 -37.06 17.56
N SER D 303 -18.96 -38.32 17.82
CA SER D 303 -17.87 -38.69 18.71
C SER D 303 -16.60 -38.82 17.88
N ILE D 304 -15.46 -38.57 18.50
CA ILE D 304 -14.18 -38.62 17.79
C ILE D 304 -13.60 -40.03 17.85
N ASN D 305 -13.35 -40.60 16.67
CA ASN D 305 -12.80 -41.94 16.55
C ASN D 305 -11.29 -41.95 16.44
N ARG D 306 -10.80 -41.02 15.62
CA ARG D 306 -9.38 -40.94 15.28
C ARG D 306 -8.82 -39.54 15.51
N LEU D 307 -7.64 -39.51 16.13
CA LEU D 307 -6.85 -38.28 16.27
C LEU D 307 -5.53 -38.46 15.53
N ARG D 308 -5.11 -37.41 14.84
CA ARG D 308 -3.86 -37.41 14.07
C ARG D 308 -3.02 -36.15 14.33
N LEU D 309 -2.08 -36.28 15.26
CA LEU D 309 -1.22 -35.17 15.68
C LEU D 309 0.10 -35.16 14.89
N ARG D 310 0.52 -33.98 14.45
CA ARG D 310 1.79 -33.85 13.73
C ARG D 310 2.98 -34.02 14.66
N LYS D 311 4.00 -34.70 14.15
CA LYS D 311 5.25 -34.93 14.86
C LYS D 311 6.32 -33.98 14.34
S SO4 E . 18.91 18.78 -11.27
O1 SO4 E . 18.52 19.42 -12.54
O2 SO4 E . 18.01 17.65 -10.98
O3 SO4 E . 18.79 19.76 -10.16
O4 SO4 E . 20.30 18.28 -11.40
S SO4 F . -23.53 23.19 6.92
O1 SO4 F . -24.72 23.90 7.40
O2 SO4 F . -23.85 22.45 5.67
O3 SO4 F . -23.08 22.24 7.96
O4 SO4 F . -22.45 24.16 6.64
S SO4 G . 23.73 -18.51 -4.66
O1 SO4 G . 22.57 -17.60 -4.78
O2 SO4 G . 23.75 -19.06 -3.29
O3 SO4 G . 25.00 -17.78 -4.89
O4 SO4 G . 23.58 -19.59 -5.66
S SO4 H . -19.92 -25.80 11.24
O1 SO4 H . -19.88 -24.53 10.50
O2 SO4 H . -21.31 -26.22 11.53
O3 SO4 H . -19.29 -26.85 10.41
O4 SO4 H . -19.23 -25.64 12.53
#